data_1YG0
# 
_entry.id   1YG0 
# 
_audit_conform.dict_name       mmcif_pdbx.dic 
_audit_conform.dict_version    5.391 
_audit_conform.dict_location   http://mmcif.pdb.org/dictionaries/ascii/mmcif_pdbx.dic 
# 
loop_
_database_2.database_id 
_database_2.database_code 
_database_2.pdbx_database_accession 
_database_2.pdbx_DOI 
PDB   1YG0         pdb_00001yg0 10.2210/pdb1yg0/pdb 
RCSB  RCSB031470   ?            ?                   
WWPDB D_1000031470 ?            ?                   
# 
loop_
_pdbx_audit_revision_history.ordinal 
_pdbx_audit_revision_history.data_content_type 
_pdbx_audit_revision_history.major_revision 
_pdbx_audit_revision_history.minor_revision 
_pdbx_audit_revision_history.revision_date 
1 'Structure model' 1 0 2006-01-24 
2 'Structure model' 1 1 2008-04-30 
3 'Structure model' 1 2 2011-07-13 
4 'Structure model' 1 3 2024-05-01 
# 
_pdbx_audit_revision_details.ordinal             1 
_pdbx_audit_revision_details.revision_ordinal    1 
_pdbx_audit_revision_details.data_content_type   'Structure model' 
_pdbx_audit_revision_details.provider            repository 
_pdbx_audit_revision_details.type                'Initial release' 
_pdbx_audit_revision_details.description         ? 
_pdbx_audit_revision_details.details             ? 
# 
loop_
_pdbx_audit_revision_group.ordinal 
_pdbx_audit_revision_group.revision_ordinal 
_pdbx_audit_revision_group.data_content_type 
_pdbx_audit_revision_group.group 
1 2 'Structure model' 'Version format compliance' 
2 3 'Structure model' 'Source and taxonomy'       
3 3 'Structure model' 'Version format compliance' 
4 4 'Structure model' 'Data collection'           
5 4 'Structure model' 'Database references'       
# 
loop_
_pdbx_audit_revision_category.ordinal 
_pdbx_audit_revision_category.revision_ordinal 
_pdbx_audit_revision_category.data_content_type 
_pdbx_audit_revision_category.category 
1 4 'Structure model' chem_comp_atom        
2 4 'Structure model' chem_comp_bond        
3 4 'Structure model' database_2            
4 4 'Structure model' pdbx_nmr_software     
5 4 'Structure model' pdbx_nmr_spectrometer 
# 
loop_
_pdbx_audit_revision_item.ordinal 
_pdbx_audit_revision_item.revision_ordinal 
_pdbx_audit_revision_item.data_content_type 
_pdbx_audit_revision_item.item 
1 4 'Structure model' '_database_2.pdbx_DOI'                
2 4 'Structure model' '_database_2.pdbx_database_accession' 
3 4 'Structure model' '_pdbx_nmr_software.name'             
4 4 'Structure model' '_pdbx_nmr_spectrometer.model'        
# 
_pdbx_database_status.status_code                     REL 
_pdbx_database_status.entry_id                        1YG0 
_pdbx_database_status.recvd_initial_deposition_date   2005-01-04 
_pdbx_database_status.deposit_site                    RCSB 
_pdbx_database_status.process_site                    PDBJ 
_pdbx_database_status.status_code_sf                  ? 
_pdbx_database_status.status_code_mr                  REL 
_pdbx_database_status.SG_entry                        ? 
_pdbx_database_status.pdb_format_compatible           Y 
_pdbx_database_status.status_code_cs                  ? 
_pdbx_database_status.status_code_nmr_data            ? 
_pdbx_database_status.methods_development_category    ? 
# 
loop_
_pdbx_database_related.db_name 
_pdbx_database_related.db_id 
_pdbx_database_related.details 
_pdbx_database_related.content_type 
PDB 1CPZ 'Homologous cooper chaperone' unspecified 
PDB 1K0V 'Homologous cooper chaperone' unspecified 
# 
loop_
_audit_author.name 
_audit_author.pdbx_ordinal 
'Lee, B.J.'  1 
'Park, S.J.' 2 
# 
_citation.id                        primary 
_citation.title                     'Solution structure of apo-CopP from Helicobacter pylori' 
_citation.journal_abbrev            'To be published' 
_citation.journal_volume            ? 
_citation.page_first                ? 
_citation.page_last                 ? 
_citation.year                      ? 
_citation.journal_id_ASTM           ? 
_citation.country                   ? 
_citation.journal_id_ISSN           ? 
_citation.journal_id_CSD            0353 
_citation.book_publisher            ? 
_citation.pdbx_database_id_PubMed   ? 
_citation.pdbx_database_id_DOI      ? 
# 
loop_
_citation_author.citation_id 
_citation_author.name 
_citation_author.ordinal 
_citation_author.identifier_ORCID 
primary 'Lee, B.J.'  1 ? 
primary 'Park, S.J.' 2 ? 
# 
_entity.id                         1 
_entity.type                       polymer 
_entity.src_method                 man 
_entity.pdbx_description           'COP associated protein' 
_entity.formula_weight             7203.238 
_entity.pdbx_number_of_molecules   1 
_entity.pdbx_ec                    ? 
_entity.pdbx_mutation              ? 
_entity.pdbx_fragment              ? 
_entity.details                    ? 
# 
_entity_name_com.entity_id   1 
_entity_name_com.name        'HpCopP, Copper ion binding protein' 
# 
_entity_poly.entity_id                      1 
_entity_poly.type                           'polypeptide(L)' 
_entity_poly.nstd_linkage                   no 
_entity_poly.nstd_monomer                   no 
_entity_poly.pdbx_seq_one_letter_code       MKATFQVPSITCNHCVDKIEKFVGEIEGVSFIDVSVEKKSVVVEFDAPATQDLIKEALLDAGQEVV 
_entity_poly.pdbx_seq_one_letter_code_can   MKATFQVPSITCNHCVDKIEKFVGEIEGVSFIDVSVEKKSVVVEFDAPATQDLIKEALLDAGQEVV 
_entity_poly.pdbx_strand_id                 A 
_entity_poly.pdbx_target_identifier         ? 
# 
loop_
_entity_poly_seq.entity_id 
_entity_poly_seq.num 
_entity_poly_seq.mon_id 
_entity_poly_seq.hetero 
1 1  MET n 
1 2  LYS n 
1 3  ALA n 
1 4  THR n 
1 5  PHE n 
1 6  GLN n 
1 7  VAL n 
1 8  PRO n 
1 9  SER n 
1 10 ILE n 
1 11 THR n 
1 12 CYS n 
1 13 ASN n 
1 14 HIS n 
1 15 CYS n 
1 16 VAL n 
1 17 ASP n 
1 18 LYS n 
1 19 ILE n 
1 20 GLU n 
1 21 LYS n 
1 22 PHE n 
1 23 VAL n 
1 24 GLY n 
1 25 GLU n 
1 26 ILE n 
1 27 GLU n 
1 28 GLY n 
1 29 VAL n 
1 30 SER n 
1 31 PHE n 
1 32 ILE n 
1 33 ASP n 
1 34 VAL n 
1 35 SER n 
1 36 VAL n 
1 37 GLU n 
1 38 LYS n 
1 39 LYS n 
1 40 SER n 
1 41 VAL n 
1 42 VAL n 
1 43 VAL n 
1 44 GLU n 
1 45 PHE n 
1 46 ASP n 
1 47 ALA n 
1 48 PRO n 
1 49 ALA n 
1 50 THR n 
1 51 GLN n 
1 52 ASP n 
1 53 LEU n 
1 54 ILE n 
1 55 LYS n 
1 56 GLU n 
1 57 ALA n 
1 58 LEU n 
1 59 LEU n 
1 60 ASP n 
1 61 ALA n 
1 62 GLY n 
1 63 GLN n 
1 64 GLU n 
1 65 VAL n 
1 66 VAL n 
# 
_entity_src_gen.entity_id                          1 
_entity_src_gen.pdbx_src_id                        1 
_entity_src_gen.pdbx_alt_source_flag               sample 
_entity_src_gen.pdbx_seq_type                      ? 
_entity_src_gen.pdbx_beg_seq_num                   ? 
_entity_src_gen.pdbx_end_seq_num                   ? 
_entity_src_gen.gene_src_common_name               ? 
_entity_src_gen.gene_src_genus                     Helicobacter 
_entity_src_gen.pdbx_gene_src_gene                 copP 
_entity_src_gen.gene_src_species                   'Helicobacter pylori' 
_entity_src_gen.gene_src_strain                    26695 
_entity_src_gen.gene_src_tissue                    ? 
_entity_src_gen.gene_src_tissue_fraction           ? 
_entity_src_gen.gene_src_details                   ? 
_entity_src_gen.pdbx_gene_src_fragment             ? 
_entity_src_gen.pdbx_gene_src_scientific_name      'Helicobacter pylori' 
_entity_src_gen.pdbx_gene_src_ncbi_taxonomy_id     85962 
_entity_src_gen.pdbx_gene_src_variant              ? 
_entity_src_gen.pdbx_gene_src_cell_line            ? 
_entity_src_gen.pdbx_gene_src_atcc                 ? 
_entity_src_gen.pdbx_gene_src_organ                ? 
_entity_src_gen.pdbx_gene_src_organelle            ? 
_entity_src_gen.pdbx_gene_src_cell                 ? 
_entity_src_gen.pdbx_gene_src_cellular_location    ? 
_entity_src_gen.host_org_common_name               ? 
_entity_src_gen.pdbx_host_org_scientific_name      'Escherichia coli' 
_entity_src_gen.pdbx_host_org_ncbi_taxonomy_id     562 
_entity_src_gen.host_org_genus                     Escherichia 
_entity_src_gen.pdbx_host_org_gene                 ? 
_entity_src_gen.pdbx_host_org_organ                ? 
_entity_src_gen.host_org_species                   ? 
_entity_src_gen.pdbx_host_org_tissue               ? 
_entity_src_gen.pdbx_host_org_tissue_fraction      ? 
_entity_src_gen.pdbx_host_org_strain               DH5a 
_entity_src_gen.pdbx_host_org_variant              ? 
_entity_src_gen.pdbx_host_org_cell_line            ? 
_entity_src_gen.pdbx_host_org_atcc                 ? 
_entity_src_gen.pdbx_host_org_culture_collection   ? 
_entity_src_gen.pdbx_host_org_cell                 ? 
_entity_src_gen.pdbx_host_org_organelle            ? 
_entity_src_gen.pdbx_host_org_cellular_location    ? 
_entity_src_gen.pdbx_host_org_vector_type          PLASMID 
_entity_src_gen.pdbx_host_org_vector               ? 
_entity_src_gen.host_org_details                   ? 
_entity_src_gen.expression_system_id               ? 
_entity_src_gen.plasmid_name                       pGEX-4T-1 
_entity_src_gen.plasmid_details                    ? 
_entity_src_gen.pdbx_description                   ? 
# 
loop_
_chem_comp.id 
_chem_comp.type 
_chem_comp.mon_nstd_flag 
_chem_comp.name 
_chem_comp.pdbx_synonyms 
_chem_comp.formula 
_chem_comp.formula_weight 
ALA 'L-peptide linking' y ALANINE         ? 'C3 H7 N O2'     89.093  
ASN 'L-peptide linking' y ASPARAGINE      ? 'C4 H8 N2 O3'    132.118 
ASP 'L-peptide linking' y 'ASPARTIC ACID' ? 'C4 H7 N O4'     133.103 
CYS 'L-peptide linking' y CYSTEINE        ? 'C3 H7 N O2 S'   121.158 
GLN 'L-peptide linking' y GLUTAMINE       ? 'C5 H10 N2 O3'   146.144 
GLU 'L-peptide linking' y 'GLUTAMIC ACID' ? 'C5 H9 N O4'     147.129 
GLY 'peptide linking'   y GLYCINE         ? 'C2 H5 N O2'     75.067  
HIS 'L-peptide linking' y HISTIDINE       ? 'C6 H10 N3 O2 1' 156.162 
ILE 'L-peptide linking' y ISOLEUCINE      ? 'C6 H13 N O2'    131.173 
LEU 'L-peptide linking' y LEUCINE         ? 'C6 H13 N O2'    131.173 
LYS 'L-peptide linking' y LYSINE          ? 'C6 H15 N2 O2 1' 147.195 
MET 'L-peptide linking' y METHIONINE      ? 'C5 H11 N O2 S'  149.211 
PHE 'L-peptide linking' y PHENYLALANINE   ? 'C9 H11 N O2'    165.189 
PRO 'L-peptide linking' y PROLINE         ? 'C5 H9 N O2'     115.130 
SER 'L-peptide linking' y SERINE          ? 'C3 H7 N O3'     105.093 
THR 'L-peptide linking' y THREONINE       ? 'C4 H9 N O3'     119.119 
VAL 'L-peptide linking' y VALINE          ? 'C5 H11 N O2'    117.146 
# 
loop_
_pdbx_poly_seq_scheme.asym_id 
_pdbx_poly_seq_scheme.entity_id 
_pdbx_poly_seq_scheme.seq_id 
_pdbx_poly_seq_scheme.mon_id 
_pdbx_poly_seq_scheme.ndb_seq_num 
_pdbx_poly_seq_scheme.pdb_seq_num 
_pdbx_poly_seq_scheme.auth_seq_num 
_pdbx_poly_seq_scheme.pdb_mon_id 
_pdbx_poly_seq_scheme.auth_mon_id 
_pdbx_poly_seq_scheme.pdb_strand_id 
_pdbx_poly_seq_scheme.pdb_ins_code 
_pdbx_poly_seq_scheme.hetero 
A 1 1  MET 1  1  1  MET MET A . n 
A 1 2  LYS 2  2  2  LYS LYS A . n 
A 1 3  ALA 3  3  3  ALA ALA A . n 
A 1 4  THR 4  4  4  THR THR A . n 
A 1 5  PHE 5  5  5  PHE PHE A . n 
A 1 6  GLN 6  6  6  GLN GLN A . n 
A 1 7  VAL 7  7  7  VAL VAL A . n 
A 1 8  PRO 8  8  8  PRO PRO A . n 
A 1 9  SER 9  9  9  SER SER A . n 
A 1 10 ILE 10 10 10 ILE ILE A . n 
A 1 11 THR 11 11 11 THR THR A . n 
A 1 12 CYS 12 12 12 CYS CYS A . n 
A 1 13 ASN 13 13 13 ASN ASN A . n 
A 1 14 HIS 14 14 14 HIS HIS A . n 
A 1 15 CYS 15 15 15 CYS CYS A . n 
A 1 16 VAL 16 16 16 VAL VAL A . n 
A 1 17 ASP 17 17 17 ASP ASP A . n 
A 1 18 LYS 18 18 18 LYS LYS A . n 
A 1 19 ILE 19 19 19 ILE ILE A . n 
A 1 20 GLU 20 20 20 GLU GLU A . n 
A 1 21 LYS 21 21 21 LYS LYS A . n 
A 1 22 PHE 22 22 22 PHE PHE A . n 
A 1 23 VAL 23 23 23 VAL VAL A . n 
A 1 24 GLY 24 24 24 GLY GLY A . n 
A 1 25 GLU 25 25 25 GLU GLU A . n 
A 1 26 ILE 26 26 26 ILE ILE A . n 
A 1 27 GLU 27 27 27 GLU GLU A . n 
A 1 28 GLY 28 28 28 GLY GLY A . n 
A 1 29 VAL 29 29 29 VAL VAL A . n 
A 1 30 SER 30 30 30 SER SER A . n 
A 1 31 PHE 31 31 31 PHE PHE A . n 
A 1 32 ILE 32 32 32 ILE ILE A . n 
A 1 33 ASP 33 33 33 ASP ASP A . n 
A 1 34 VAL 34 34 34 VAL VAL A . n 
A 1 35 SER 35 35 35 SER SER A . n 
A 1 36 VAL 36 36 36 VAL VAL A . n 
A 1 37 GLU 37 37 37 GLU GLU A . n 
A 1 38 LYS 38 38 38 LYS LYS A . n 
A 1 39 LYS 39 39 39 LYS LYS A . n 
A 1 40 SER 40 40 40 SER SER A . n 
A 1 41 VAL 41 41 41 VAL VAL A . n 
A 1 42 VAL 42 42 42 VAL VAL A . n 
A 1 43 VAL 43 43 43 VAL VAL A . n 
A 1 44 GLU 44 44 44 GLU GLU A . n 
A 1 45 PHE 45 45 45 PHE PHE A . n 
A 1 46 ASP 46 46 46 ASP ASP A . n 
A 1 47 ALA 47 47 47 ALA ALA A . n 
A 1 48 PRO 48 48 48 PRO PRO A . n 
A 1 49 ALA 49 49 49 ALA ALA A . n 
A 1 50 THR 50 50 50 THR THR A . n 
A 1 51 GLN 51 51 51 GLN GLN A . n 
A 1 52 ASP 52 52 52 ASP ASP A . n 
A 1 53 LEU 53 53 53 LEU LEU A . n 
A 1 54 ILE 54 54 54 ILE ILE A . n 
A 1 55 LYS 55 55 55 LYS LYS A . n 
A 1 56 GLU 56 56 56 GLU GLU A . n 
A 1 57 ALA 57 57 57 ALA ALA A . n 
A 1 58 LEU 58 58 58 LEU LEU A . n 
A 1 59 LEU 59 59 59 LEU LEU A . n 
A 1 60 ASP 60 60 60 ASP ASP A . n 
A 1 61 ALA 61 61 61 ALA ALA A . n 
A 1 62 GLY 62 62 62 GLY GLY A . n 
A 1 63 GLN 63 63 63 GLN GLN A . n 
A 1 64 GLU 64 64 64 GLU GLU A . n 
A 1 65 VAL 65 65 65 VAL VAL A . n 
A 1 66 VAL 66 66 66 VAL VAL A . n 
# 
_exptl.entry_id          1YG0 
_exptl.method            'SOLUTION NMR' 
_exptl.crystals_number   ? 
# 
_struct.entry_id                  1YG0 
_struct.title                     'Solution structure of apo-CopP from Helicobacter pylori' 
_struct.pdbx_model_details        ? 
_struct.pdbx_CASP_flag            ? 
_struct.pdbx_model_type_details   'minimized average' 
# 
_struct_keywords.entry_id        1YG0 
_struct_keywords.pdbx_keywords   'METAL TRANSPORT' 
_struct_keywords.text            'open-faced beta-sandwich, missing C-terminal beta-sheet, METAL TRANSPORT' 
# 
_struct_asym.id                            A 
_struct_asym.pdbx_blank_PDB_chainid_flag   N 
_struct_asym.pdbx_modified                 N 
_struct_asym.entity_id                     1 
_struct_asym.details                       ? 
# 
_struct_ref.id                         1 
_struct_ref.db_name                    UNP 
_struct_ref.db_code                    COPP_HELPY 
_struct_ref.pdbx_db_accession          Q48271 
_struct_ref.entity_id                  1 
_struct_ref.pdbx_seq_one_letter_code   MKATFQVPSITCNHCVDKIEKFVGEIEGVSFIDVSVEKKSVVVEFDAPATQDLIKEALLDAGQEVV 
_struct_ref.pdbx_align_begin           1 
_struct_ref.pdbx_db_isoform            ? 
# 
_struct_ref_seq.align_id                      1 
_struct_ref_seq.ref_id                        1 
_struct_ref_seq.pdbx_PDB_id_code              1YG0 
_struct_ref_seq.pdbx_strand_id                A 
_struct_ref_seq.seq_align_beg                 1 
_struct_ref_seq.pdbx_seq_align_beg_ins_code   ? 
_struct_ref_seq.seq_align_end                 66 
_struct_ref_seq.pdbx_seq_align_end_ins_code   ? 
_struct_ref_seq.pdbx_db_accession             Q48271 
_struct_ref_seq.db_align_beg                  1 
_struct_ref_seq.pdbx_db_align_beg_ins_code    ? 
_struct_ref_seq.db_align_end                  66 
_struct_ref_seq.pdbx_db_align_end_ins_code    ? 
_struct_ref_seq.pdbx_auth_seq_align_beg       1 
_struct_ref_seq.pdbx_auth_seq_align_end       66 
# 
_pdbx_struct_assembly.id                   1 
_pdbx_struct_assembly.details              author_defined_assembly 
_pdbx_struct_assembly.method_details       ? 
_pdbx_struct_assembly.oligomeric_details   monomeric 
_pdbx_struct_assembly.oligomeric_count     1 
# 
_pdbx_struct_assembly_gen.assembly_id       1 
_pdbx_struct_assembly_gen.oper_expression   1 
_pdbx_struct_assembly_gen.asym_id_list      A 
# 
_pdbx_struct_oper_list.id                   1 
_pdbx_struct_oper_list.type                 'identity operation' 
_pdbx_struct_oper_list.name                 1_555 
_pdbx_struct_oper_list.symmetry_operation   x,y,z 
_pdbx_struct_oper_list.matrix[1][1]         1.0000000000 
_pdbx_struct_oper_list.matrix[1][2]         0.0000000000 
_pdbx_struct_oper_list.matrix[1][3]         0.0000000000 
_pdbx_struct_oper_list.vector[1]            0.0000000000 
_pdbx_struct_oper_list.matrix[2][1]         0.0000000000 
_pdbx_struct_oper_list.matrix[2][2]         1.0000000000 
_pdbx_struct_oper_list.matrix[2][3]         0.0000000000 
_pdbx_struct_oper_list.vector[2]            0.0000000000 
_pdbx_struct_oper_list.matrix[3][1]         0.0000000000 
_pdbx_struct_oper_list.matrix[3][2]         0.0000000000 
_pdbx_struct_oper_list.matrix[3][3]         1.0000000000 
_pdbx_struct_oper_list.vector[3]            0.0000000000 
# 
_struct_biol.id   1 
# 
loop_
_struct_conf.conf_type_id 
_struct_conf.id 
_struct_conf.pdbx_PDB_helix_id 
_struct_conf.beg_label_comp_id 
_struct_conf.beg_label_asym_id 
_struct_conf.beg_label_seq_id 
_struct_conf.pdbx_beg_PDB_ins_code 
_struct_conf.end_label_comp_id 
_struct_conf.end_label_asym_id 
_struct_conf.end_label_seq_id 
_struct_conf.pdbx_end_PDB_ins_code 
_struct_conf.beg_auth_comp_id 
_struct_conf.beg_auth_asym_id 
_struct_conf.beg_auth_seq_id 
_struct_conf.end_auth_comp_id 
_struct_conf.end_auth_asym_id 
_struct_conf.end_auth_seq_id 
_struct_conf.pdbx_PDB_helix_class 
_struct_conf.details 
_struct_conf.pdbx_PDB_helix_length 
HELX_P HELX_P1 1 ASN A 13 ? GLY A 24 ? ASN A 13 GLY A 24 1 ? 12 
HELX_P HELX_P2 2 THR A 50 ? GLY A 62 ? THR A 50 GLY A 62 1 ? 13 
# 
_struct_conf_type.id          HELX_P 
_struct_conf_type.criteria    ? 
_struct_conf_type.reference   ? 
# 
_struct_sheet.id               A 
_struct_sheet.type             ? 
_struct_sheet.number_strands   3 
_struct_sheet.details          ? 
# 
loop_
_struct_sheet_order.sheet_id 
_struct_sheet_order.range_id_1 
_struct_sheet_order.range_id_2 
_struct_sheet_order.offset 
_struct_sheet_order.sense 
A 1 2 ? anti-parallel 
A 2 3 ? anti-parallel 
# 
loop_
_struct_sheet_range.sheet_id 
_struct_sheet_range.id 
_struct_sheet_range.beg_label_comp_id 
_struct_sheet_range.beg_label_asym_id 
_struct_sheet_range.beg_label_seq_id 
_struct_sheet_range.pdbx_beg_PDB_ins_code 
_struct_sheet_range.end_label_comp_id 
_struct_sheet_range.end_label_asym_id 
_struct_sheet_range.end_label_seq_id 
_struct_sheet_range.pdbx_end_PDB_ins_code 
_struct_sheet_range.beg_auth_comp_id 
_struct_sheet_range.beg_auth_asym_id 
_struct_sheet_range.beg_auth_seq_id 
_struct_sheet_range.end_auth_comp_id 
_struct_sheet_range.end_auth_asym_id 
_struct_sheet_range.end_auth_seq_id 
A 1 LYS A 2  ? PHE A 5  ? LYS A 2  PHE A 5  
A 2 SER A 40 ? PHE A 45 ? SER A 40 PHE A 45 
A 3 VAL A 29 ? SER A 35 ? VAL A 29 SER A 35 
# 
loop_
_pdbx_struct_sheet_hbond.sheet_id 
_pdbx_struct_sheet_hbond.range_id_1 
_pdbx_struct_sheet_hbond.range_id_2 
_pdbx_struct_sheet_hbond.range_1_label_atom_id 
_pdbx_struct_sheet_hbond.range_1_label_comp_id 
_pdbx_struct_sheet_hbond.range_1_label_asym_id 
_pdbx_struct_sheet_hbond.range_1_label_seq_id 
_pdbx_struct_sheet_hbond.range_1_PDB_ins_code 
_pdbx_struct_sheet_hbond.range_1_auth_atom_id 
_pdbx_struct_sheet_hbond.range_1_auth_comp_id 
_pdbx_struct_sheet_hbond.range_1_auth_asym_id 
_pdbx_struct_sheet_hbond.range_1_auth_seq_id 
_pdbx_struct_sheet_hbond.range_2_label_atom_id 
_pdbx_struct_sheet_hbond.range_2_label_comp_id 
_pdbx_struct_sheet_hbond.range_2_label_asym_id 
_pdbx_struct_sheet_hbond.range_2_label_seq_id 
_pdbx_struct_sheet_hbond.range_2_PDB_ins_code 
_pdbx_struct_sheet_hbond.range_2_auth_atom_id 
_pdbx_struct_sheet_hbond.range_2_auth_comp_id 
_pdbx_struct_sheet_hbond.range_2_auth_asym_id 
_pdbx_struct_sheet_hbond.range_2_auth_seq_id 
A 1 2 N PHE A 5  ? N PHE A 5  O VAL A 41 ? O VAL A 41 
A 2 3 O GLU A 44 ? O GLU A 44 N SER A 30 ? N SER A 30 
# 
_pdbx_validate_close_contact.id               1 
_pdbx_validate_close_contact.PDB_model_num    1 
_pdbx_validate_close_contact.auth_atom_id_1   H 
_pdbx_validate_close_contact.auth_asym_id_1   A 
_pdbx_validate_close_contact.auth_comp_id_1   SER 
_pdbx_validate_close_contact.auth_seq_id_1    30 
_pdbx_validate_close_contact.PDB_ins_code_1   ? 
_pdbx_validate_close_contact.label_alt_id_1   ? 
_pdbx_validate_close_contact.auth_atom_id_2   O 
_pdbx_validate_close_contact.auth_asym_id_2   A 
_pdbx_validate_close_contact.auth_comp_id_2   GLU 
_pdbx_validate_close_contact.auth_seq_id_2    44 
_pdbx_validate_close_contact.PDB_ins_code_2   ? 
_pdbx_validate_close_contact.label_alt_id_2   ? 
_pdbx_validate_close_contact.dist             1.56 
# 
loop_
_pdbx_validate_torsion.id 
_pdbx_validate_torsion.PDB_model_num 
_pdbx_validate_torsion.auth_comp_id 
_pdbx_validate_torsion.auth_asym_id 
_pdbx_validate_torsion.auth_seq_id 
_pdbx_validate_torsion.PDB_ins_code 
_pdbx_validate_torsion.label_alt_id 
_pdbx_validate_torsion.phi 
_pdbx_validate_torsion.psi 
1 1 PHE A 5  ? ? -128.45 -169.79 
2 1 SER A 9  ? ? -95.99  38.22   
3 1 ILE A 10 ? ? -85.37  -156.33 
4 1 THR A 11 ? ? 81.05   53.32   
5 1 PHE A 31 ? ? -170.09 123.23  
6 1 ASP A 46 ? ? -78.37  -169.97 
# 
_pdbx_nmr_ensemble.entry_id                             1YG0 
_pdbx_nmr_ensemble.conformers_calculated_total_number   ? 
_pdbx_nmr_ensemble.conformers_submitted_total_number    1 
_pdbx_nmr_ensemble.conformer_selection_criteria         ? 
# 
_pdbx_nmr_representative.entry_id             1YG0 
_pdbx_nmr_representative.conformer_id         ? 
_pdbx_nmr_representative.selection_criteria   'minimized average structure' 
# 
_pdbx_nmr_sample_details.solution_id      1 
_pdbx_nmr_sample_details.contents         '2mM HpCopP U-15N, 13C; 50mM phosphate buffer, 10mM DTT, 500mM NaCl NA; 90% H2O, 10% D2O' 
_pdbx_nmr_sample_details.solvent_system   '90% H2O/10% D2O' 
# 
_pdbx_nmr_exptl_sample_conditions.conditions_id       1 
_pdbx_nmr_exptl_sample_conditions.temperature         303 
_pdbx_nmr_exptl_sample_conditions.pressure            ambient 
_pdbx_nmr_exptl_sample_conditions.pH                  7 
_pdbx_nmr_exptl_sample_conditions.ionic_strength      '500mM NaCl, 10mM DTT' 
_pdbx_nmr_exptl_sample_conditions.pressure_units      ? 
_pdbx_nmr_exptl_sample_conditions.temperature_units   K 
# 
loop_
_pdbx_nmr_exptl.experiment_id 
_pdbx_nmr_exptl.conditions_id 
_pdbx_nmr_exptl.type 
_pdbx_nmr_exptl.solution_id 
1 1 '2D NOESY'             1 
2 1 3D_13C-separated_NOESY 1 
3 1 3D_15N-separated_NOESY 1 
4 1 HNHA                   1 
# 
_pdbx_nmr_details.entry_id   1YG0 
_pdbx_nmr_details.text       'This structure was determined using standard 2D and 3D techniques.' 
# 
_pdbx_nmr_refine.entry_id           1YG0 
_pdbx_nmr_refine.method             'simulated annealing, torsion angle dynamics' 
_pdbx_nmr_refine.details            
;The structures are based on a total of 1250 restraints, 1115 are NOE-derived 
distance constraints, 95 dihedral angle restraints, 40 distance restraints  
from hydrogen bonds.
;
_pdbx_nmr_refine.software_ordinal   1 
# 
loop_
_pdbx_nmr_software.classification 
_pdbx_nmr_software.name 
_pdbx_nmr_software.version 
_pdbx_nmr_software.authors 
_pdbx_nmr_software.ordinal 
refinement           CNS     1.1 Brucker  1 
'structure solution' CNS     1.1 Brunger  2 
'data analysis'      NMRPipe 5.4 Delaglio 3 
collection           XwinNMR 3.5 Brucker  4 
refinement           X-PLOR  3.8 Brucker  5 
# 
loop_
_chem_comp_atom.comp_id 
_chem_comp_atom.atom_id 
_chem_comp_atom.type_symbol 
_chem_comp_atom.pdbx_aromatic_flag 
_chem_comp_atom.pdbx_stereo_config 
_chem_comp_atom.pdbx_ordinal 
ALA N    N N N 1   
ALA CA   C N S 2   
ALA C    C N N 3   
ALA O    O N N 4   
ALA CB   C N N 5   
ALA OXT  O N N 6   
ALA H    H N N 7   
ALA H2   H N N 8   
ALA HA   H N N 9   
ALA HB1  H N N 10  
ALA HB2  H N N 11  
ALA HB3  H N N 12  
ALA HXT  H N N 13  
ASN N    N N N 14  
ASN CA   C N S 15  
ASN C    C N N 16  
ASN O    O N N 17  
ASN CB   C N N 18  
ASN CG   C N N 19  
ASN OD1  O N N 20  
ASN ND2  N N N 21  
ASN OXT  O N N 22  
ASN H    H N N 23  
ASN H2   H N N 24  
ASN HA   H N N 25  
ASN HB2  H N N 26  
ASN HB3  H N N 27  
ASN HD21 H N N 28  
ASN HD22 H N N 29  
ASN HXT  H N N 30  
ASP N    N N N 31  
ASP CA   C N S 32  
ASP C    C N N 33  
ASP O    O N N 34  
ASP CB   C N N 35  
ASP CG   C N N 36  
ASP OD1  O N N 37  
ASP OD2  O N N 38  
ASP OXT  O N N 39  
ASP H    H N N 40  
ASP H2   H N N 41  
ASP HA   H N N 42  
ASP HB2  H N N 43  
ASP HB3  H N N 44  
ASP HD2  H N N 45  
ASP HXT  H N N 46  
CYS N    N N N 47  
CYS CA   C N R 48  
CYS C    C N N 49  
CYS O    O N N 50  
CYS CB   C N N 51  
CYS SG   S N N 52  
CYS OXT  O N N 53  
CYS H    H N N 54  
CYS H2   H N N 55  
CYS HA   H N N 56  
CYS HB2  H N N 57  
CYS HB3  H N N 58  
CYS HG   H N N 59  
CYS HXT  H N N 60  
GLN N    N N N 61  
GLN CA   C N S 62  
GLN C    C N N 63  
GLN O    O N N 64  
GLN CB   C N N 65  
GLN CG   C N N 66  
GLN CD   C N N 67  
GLN OE1  O N N 68  
GLN NE2  N N N 69  
GLN OXT  O N N 70  
GLN H    H N N 71  
GLN H2   H N N 72  
GLN HA   H N N 73  
GLN HB2  H N N 74  
GLN HB3  H N N 75  
GLN HG2  H N N 76  
GLN HG3  H N N 77  
GLN HE21 H N N 78  
GLN HE22 H N N 79  
GLN HXT  H N N 80  
GLU N    N N N 81  
GLU CA   C N S 82  
GLU C    C N N 83  
GLU O    O N N 84  
GLU CB   C N N 85  
GLU CG   C N N 86  
GLU CD   C N N 87  
GLU OE1  O N N 88  
GLU OE2  O N N 89  
GLU OXT  O N N 90  
GLU H    H N N 91  
GLU H2   H N N 92  
GLU HA   H N N 93  
GLU HB2  H N N 94  
GLU HB3  H N N 95  
GLU HG2  H N N 96  
GLU HG3  H N N 97  
GLU HE2  H N N 98  
GLU HXT  H N N 99  
GLY N    N N N 100 
GLY CA   C N N 101 
GLY C    C N N 102 
GLY O    O N N 103 
GLY OXT  O N N 104 
GLY H    H N N 105 
GLY H2   H N N 106 
GLY HA2  H N N 107 
GLY HA3  H N N 108 
GLY HXT  H N N 109 
HIS N    N N N 110 
HIS CA   C N S 111 
HIS C    C N N 112 
HIS O    O N N 113 
HIS CB   C N N 114 
HIS CG   C Y N 115 
HIS ND1  N Y N 116 
HIS CD2  C Y N 117 
HIS CE1  C Y N 118 
HIS NE2  N Y N 119 
HIS OXT  O N N 120 
HIS H    H N N 121 
HIS H2   H N N 122 
HIS HA   H N N 123 
HIS HB2  H N N 124 
HIS HB3  H N N 125 
HIS HD1  H N N 126 
HIS HD2  H N N 127 
HIS HE1  H N N 128 
HIS HE2  H N N 129 
HIS HXT  H N N 130 
ILE N    N N N 131 
ILE CA   C N S 132 
ILE C    C N N 133 
ILE O    O N N 134 
ILE CB   C N S 135 
ILE CG1  C N N 136 
ILE CG2  C N N 137 
ILE CD1  C N N 138 
ILE OXT  O N N 139 
ILE H    H N N 140 
ILE H2   H N N 141 
ILE HA   H N N 142 
ILE HB   H N N 143 
ILE HG12 H N N 144 
ILE HG13 H N N 145 
ILE HG21 H N N 146 
ILE HG22 H N N 147 
ILE HG23 H N N 148 
ILE HD11 H N N 149 
ILE HD12 H N N 150 
ILE HD13 H N N 151 
ILE HXT  H N N 152 
LEU N    N N N 153 
LEU CA   C N S 154 
LEU C    C N N 155 
LEU O    O N N 156 
LEU CB   C N N 157 
LEU CG   C N N 158 
LEU CD1  C N N 159 
LEU CD2  C N N 160 
LEU OXT  O N N 161 
LEU H    H N N 162 
LEU H2   H N N 163 
LEU HA   H N N 164 
LEU HB2  H N N 165 
LEU HB3  H N N 166 
LEU HG   H N N 167 
LEU HD11 H N N 168 
LEU HD12 H N N 169 
LEU HD13 H N N 170 
LEU HD21 H N N 171 
LEU HD22 H N N 172 
LEU HD23 H N N 173 
LEU HXT  H N N 174 
LYS N    N N N 175 
LYS CA   C N S 176 
LYS C    C N N 177 
LYS O    O N N 178 
LYS CB   C N N 179 
LYS CG   C N N 180 
LYS CD   C N N 181 
LYS CE   C N N 182 
LYS NZ   N N N 183 
LYS OXT  O N N 184 
LYS H    H N N 185 
LYS H2   H N N 186 
LYS HA   H N N 187 
LYS HB2  H N N 188 
LYS HB3  H N N 189 
LYS HG2  H N N 190 
LYS HG3  H N N 191 
LYS HD2  H N N 192 
LYS HD3  H N N 193 
LYS HE2  H N N 194 
LYS HE3  H N N 195 
LYS HZ1  H N N 196 
LYS HZ2  H N N 197 
LYS HZ3  H N N 198 
LYS HXT  H N N 199 
MET N    N N N 200 
MET CA   C N S 201 
MET C    C N N 202 
MET O    O N N 203 
MET CB   C N N 204 
MET CG   C N N 205 
MET SD   S N N 206 
MET CE   C N N 207 
MET OXT  O N N 208 
MET H    H N N 209 
MET H2   H N N 210 
MET HA   H N N 211 
MET HB2  H N N 212 
MET HB3  H N N 213 
MET HG2  H N N 214 
MET HG3  H N N 215 
MET HE1  H N N 216 
MET HE2  H N N 217 
MET HE3  H N N 218 
MET HXT  H N N 219 
PHE N    N N N 220 
PHE CA   C N S 221 
PHE C    C N N 222 
PHE O    O N N 223 
PHE CB   C N N 224 
PHE CG   C Y N 225 
PHE CD1  C Y N 226 
PHE CD2  C Y N 227 
PHE CE1  C Y N 228 
PHE CE2  C Y N 229 
PHE CZ   C Y N 230 
PHE OXT  O N N 231 
PHE H    H N N 232 
PHE H2   H N N 233 
PHE HA   H N N 234 
PHE HB2  H N N 235 
PHE HB3  H N N 236 
PHE HD1  H N N 237 
PHE HD2  H N N 238 
PHE HE1  H N N 239 
PHE HE2  H N N 240 
PHE HZ   H N N 241 
PHE HXT  H N N 242 
PRO N    N N N 243 
PRO CA   C N S 244 
PRO C    C N N 245 
PRO O    O N N 246 
PRO CB   C N N 247 
PRO CG   C N N 248 
PRO CD   C N N 249 
PRO OXT  O N N 250 
PRO H    H N N 251 
PRO HA   H N N 252 
PRO HB2  H N N 253 
PRO HB3  H N N 254 
PRO HG2  H N N 255 
PRO HG3  H N N 256 
PRO HD2  H N N 257 
PRO HD3  H N N 258 
PRO HXT  H N N 259 
SER N    N N N 260 
SER CA   C N S 261 
SER C    C N N 262 
SER O    O N N 263 
SER CB   C N N 264 
SER OG   O N N 265 
SER OXT  O N N 266 
SER H    H N N 267 
SER H2   H N N 268 
SER HA   H N N 269 
SER HB2  H N N 270 
SER HB3  H N N 271 
SER HG   H N N 272 
SER HXT  H N N 273 
THR N    N N N 274 
THR CA   C N S 275 
THR C    C N N 276 
THR O    O N N 277 
THR CB   C N R 278 
THR OG1  O N N 279 
THR CG2  C N N 280 
THR OXT  O N N 281 
THR H    H N N 282 
THR H2   H N N 283 
THR HA   H N N 284 
THR HB   H N N 285 
THR HG1  H N N 286 
THR HG21 H N N 287 
THR HG22 H N N 288 
THR HG23 H N N 289 
THR HXT  H N N 290 
VAL N    N N N 291 
VAL CA   C N S 292 
VAL C    C N N 293 
VAL O    O N N 294 
VAL CB   C N N 295 
VAL CG1  C N N 296 
VAL CG2  C N N 297 
VAL OXT  O N N 298 
VAL H    H N N 299 
VAL H2   H N N 300 
VAL HA   H N N 301 
VAL HB   H N N 302 
VAL HG11 H N N 303 
VAL HG12 H N N 304 
VAL HG13 H N N 305 
VAL HG21 H N N 306 
VAL HG22 H N N 307 
VAL HG23 H N N 308 
VAL HXT  H N N 309 
# 
loop_
_chem_comp_bond.comp_id 
_chem_comp_bond.atom_id_1 
_chem_comp_bond.atom_id_2 
_chem_comp_bond.value_order 
_chem_comp_bond.pdbx_aromatic_flag 
_chem_comp_bond.pdbx_stereo_config 
_chem_comp_bond.pdbx_ordinal 
ALA N   CA   sing N N 1   
ALA N   H    sing N N 2   
ALA N   H2   sing N N 3   
ALA CA  C    sing N N 4   
ALA CA  CB   sing N N 5   
ALA CA  HA   sing N N 6   
ALA C   O    doub N N 7   
ALA C   OXT  sing N N 8   
ALA CB  HB1  sing N N 9   
ALA CB  HB2  sing N N 10  
ALA CB  HB3  sing N N 11  
ALA OXT HXT  sing N N 12  
ASN N   CA   sing N N 13  
ASN N   H    sing N N 14  
ASN N   H2   sing N N 15  
ASN CA  C    sing N N 16  
ASN CA  CB   sing N N 17  
ASN CA  HA   sing N N 18  
ASN C   O    doub N N 19  
ASN C   OXT  sing N N 20  
ASN CB  CG   sing N N 21  
ASN CB  HB2  sing N N 22  
ASN CB  HB3  sing N N 23  
ASN CG  OD1  doub N N 24  
ASN CG  ND2  sing N N 25  
ASN ND2 HD21 sing N N 26  
ASN ND2 HD22 sing N N 27  
ASN OXT HXT  sing N N 28  
ASP N   CA   sing N N 29  
ASP N   H    sing N N 30  
ASP N   H2   sing N N 31  
ASP CA  C    sing N N 32  
ASP CA  CB   sing N N 33  
ASP CA  HA   sing N N 34  
ASP C   O    doub N N 35  
ASP C   OXT  sing N N 36  
ASP CB  CG   sing N N 37  
ASP CB  HB2  sing N N 38  
ASP CB  HB3  sing N N 39  
ASP CG  OD1  doub N N 40  
ASP CG  OD2  sing N N 41  
ASP OD2 HD2  sing N N 42  
ASP OXT HXT  sing N N 43  
CYS N   CA   sing N N 44  
CYS N   H    sing N N 45  
CYS N   H2   sing N N 46  
CYS CA  C    sing N N 47  
CYS CA  CB   sing N N 48  
CYS CA  HA   sing N N 49  
CYS C   O    doub N N 50  
CYS C   OXT  sing N N 51  
CYS CB  SG   sing N N 52  
CYS CB  HB2  sing N N 53  
CYS CB  HB3  sing N N 54  
CYS SG  HG   sing N N 55  
CYS OXT HXT  sing N N 56  
GLN N   CA   sing N N 57  
GLN N   H    sing N N 58  
GLN N   H2   sing N N 59  
GLN CA  C    sing N N 60  
GLN CA  CB   sing N N 61  
GLN CA  HA   sing N N 62  
GLN C   O    doub N N 63  
GLN C   OXT  sing N N 64  
GLN CB  CG   sing N N 65  
GLN CB  HB2  sing N N 66  
GLN CB  HB3  sing N N 67  
GLN CG  CD   sing N N 68  
GLN CG  HG2  sing N N 69  
GLN CG  HG3  sing N N 70  
GLN CD  OE1  doub N N 71  
GLN CD  NE2  sing N N 72  
GLN NE2 HE21 sing N N 73  
GLN NE2 HE22 sing N N 74  
GLN OXT HXT  sing N N 75  
GLU N   CA   sing N N 76  
GLU N   H    sing N N 77  
GLU N   H2   sing N N 78  
GLU CA  C    sing N N 79  
GLU CA  CB   sing N N 80  
GLU CA  HA   sing N N 81  
GLU C   O    doub N N 82  
GLU C   OXT  sing N N 83  
GLU CB  CG   sing N N 84  
GLU CB  HB2  sing N N 85  
GLU CB  HB3  sing N N 86  
GLU CG  CD   sing N N 87  
GLU CG  HG2  sing N N 88  
GLU CG  HG3  sing N N 89  
GLU CD  OE1  doub N N 90  
GLU CD  OE2  sing N N 91  
GLU OE2 HE2  sing N N 92  
GLU OXT HXT  sing N N 93  
GLY N   CA   sing N N 94  
GLY N   H    sing N N 95  
GLY N   H2   sing N N 96  
GLY CA  C    sing N N 97  
GLY CA  HA2  sing N N 98  
GLY CA  HA3  sing N N 99  
GLY C   O    doub N N 100 
GLY C   OXT  sing N N 101 
GLY OXT HXT  sing N N 102 
HIS N   CA   sing N N 103 
HIS N   H    sing N N 104 
HIS N   H2   sing N N 105 
HIS CA  C    sing N N 106 
HIS CA  CB   sing N N 107 
HIS CA  HA   sing N N 108 
HIS C   O    doub N N 109 
HIS C   OXT  sing N N 110 
HIS CB  CG   sing N N 111 
HIS CB  HB2  sing N N 112 
HIS CB  HB3  sing N N 113 
HIS CG  ND1  sing Y N 114 
HIS CG  CD2  doub Y N 115 
HIS ND1 CE1  doub Y N 116 
HIS ND1 HD1  sing N N 117 
HIS CD2 NE2  sing Y N 118 
HIS CD2 HD2  sing N N 119 
HIS CE1 NE2  sing Y N 120 
HIS CE1 HE1  sing N N 121 
HIS NE2 HE2  sing N N 122 
HIS OXT HXT  sing N N 123 
ILE N   CA   sing N N 124 
ILE N   H    sing N N 125 
ILE N   H2   sing N N 126 
ILE CA  C    sing N N 127 
ILE CA  CB   sing N N 128 
ILE CA  HA   sing N N 129 
ILE C   O    doub N N 130 
ILE C   OXT  sing N N 131 
ILE CB  CG1  sing N N 132 
ILE CB  CG2  sing N N 133 
ILE CB  HB   sing N N 134 
ILE CG1 CD1  sing N N 135 
ILE CG1 HG12 sing N N 136 
ILE CG1 HG13 sing N N 137 
ILE CG2 HG21 sing N N 138 
ILE CG2 HG22 sing N N 139 
ILE CG2 HG23 sing N N 140 
ILE CD1 HD11 sing N N 141 
ILE CD1 HD12 sing N N 142 
ILE CD1 HD13 sing N N 143 
ILE OXT HXT  sing N N 144 
LEU N   CA   sing N N 145 
LEU N   H    sing N N 146 
LEU N   H2   sing N N 147 
LEU CA  C    sing N N 148 
LEU CA  CB   sing N N 149 
LEU CA  HA   sing N N 150 
LEU C   O    doub N N 151 
LEU C   OXT  sing N N 152 
LEU CB  CG   sing N N 153 
LEU CB  HB2  sing N N 154 
LEU CB  HB3  sing N N 155 
LEU CG  CD1  sing N N 156 
LEU CG  CD2  sing N N 157 
LEU CG  HG   sing N N 158 
LEU CD1 HD11 sing N N 159 
LEU CD1 HD12 sing N N 160 
LEU CD1 HD13 sing N N 161 
LEU CD2 HD21 sing N N 162 
LEU CD2 HD22 sing N N 163 
LEU CD2 HD23 sing N N 164 
LEU OXT HXT  sing N N 165 
LYS N   CA   sing N N 166 
LYS N   H    sing N N 167 
LYS N   H2   sing N N 168 
LYS CA  C    sing N N 169 
LYS CA  CB   sing N N 170 
LYS CA  HA   sing N N 171 
LYS C   O    doub N N 172 
LYS C   OXT  sing N N 173 
LYS CB  CG   sing N N 174 
LYS CB  HB2  sing N N 175 
LYS CB  HB3  sing N N 176 
LYS CG  CD   sing N N 177 
LYS CG  HG2  sing N N 178 
LYS CG  HG3  sing N N 179 
LYS CD  CE   sing N N 180 
LYS CD  HD2  sing N N 181 
LYS CD  HD3  sing N N 182 
LYS CE  NZ   sing N N 183 
LYS CE  HE2  sing N N 184 
LYS CE  HE3  sing N N 185 
LYS NZ  HZ1  sing N N 186 
LYS NZ  HZ2  sing N N 187 
LYS NZ  HZ3  sing N N 188 
LYS OXT HXT  sing N N 189 
MET N   CA   sing N N 190 
MET N   H    sing N N 191 
MET N   H2   sing N N 192 
MET CA  C    sing N N 193 
MET CA  CB   sing N N 194 
MET CA  HA   sing N N 195 
MET C   O    doub N N 196 
MET C   OXT  sing N N 197 
MET CB  CG   sing N N 198 
MET CB  HB2  sing N N 199 
MET CB  HB3  sing N N 200 
MET CG  SD   sing N N 201 
MET CG  HG2  sing N N 202 
MET CG  HG3  sing N N 203 
MET SD  CE   sing N N 204 
MET CE  HE1  sing N N 205 
MET CE  HE2  sing N N 206 
MET CE  HE3  sing N N 207 
MET OXT HXT  sing N N 208 
PHE N   CA   sing N N 209 
PHE N   H    sing N N 210 
PHE N   H2   sing N N 211 
PHE CA  C    sing N N 212 
PHE CA  CB   sing N N 213 
PHE CA  HA   sing N N 214 
PHE C   O    doub N N 215 
PHE C   OXT  sing N N 216 
PHE CB  CG   sing N N 217 
PHE CB  HB2  sing N N 218 
PHE CB  HB3  sing N N 219 
PHE CG  CD1  doub Y N 220 
PHE CG  CD2  sing Y N 221 
PHE CD1 CE1  sing Y N 222 
PHE CD1 HD1  sing N N 223 
PHE CD2 CE2  doub Y N 224 
PHE CD2 HD2  sing N N 225 
PHE CE1 CZ   doub Y N 226 
PHE CE1 HE1  sing N N 227 
PHE CE2 CZ   sing Y N 228 
PHE CE2 HE2  sing N N 229 
PHE CZ  HZ   sing N N 230 
PHE OXT HXT  sing N N 231 
PRO N   CA   sing N N 232 
PRO N   CD   sing N N 233 
PRO N   H    sing N N 234 
PRO CA  C    sing N N 235 
PRO CA  CB   sing N N 236 
PRO CA  HA   sing N N 237 
PRO C   O    doub N N 238 
PRO C   OXT  sing N N 239 
PRO CB  CG   sing N N 240 
PRO CB  HB2  sing N N 241 
PRO CB  HB3  sing N N 242 
PRO CG  CD   sing N N 243 
PRO CG  HG2  sing N N 244 
PRO CG  HG3  sing N N 245 
PRO CD  HD2  sing N N 246 
PRO CD  HD3  sing N N 247 
PRO OXT HXT  sing N N 248 
SER N   CA   sing N N 249 
SER N   H    sing N N 250 
SER N   H2   sing N N 251 
SER CA  C    sing N N 252 
SER CA  CB   sing N N 253 
SER CA  HA   sing N N 254 
SER C   O    doub N N 255 
SER C   OXT  sing N N 256 
SER CB  OG   sing N N 257 
SER CB  HB2  sing N N 258 
SER CB  HB3  sing N N 259 
SER OG  HG   sing N N 260 
SER OXT HXT  sing N N 261 
THR N   CA   sing N N 262 
THR N   H    sing N N 263 
THR N   H2   sing N N 264 
THR CA  C    sing N N 265 
THR CA  CB   sing N N 266 
THR CA  HA   sing N N 267 
THR C   O    doub N N 268 
THR C   OXT  sing N N 269 
THR CB  OG1  sing N N 270 
THR CB  CG2  sing N N 271 
THR CB  HB   sing N N 272 
THR OG1 HG1  sing N N 273 
THR CG2 HG21 sing N N 274 
THR CG2 HG22 sing N N 275 
THR CG2 HG23 sing N N 276 
THR OXT HXT  sing N N 277 
VAL N   CA   sing N N 278 
VAL N   H    sing N N 279 
VAL N   H2   sing N N 280 
VAL CA  C    sing N N 281 
VAL CA  CB   sing N N 282 
VAL CA  HA   sing N N 283 
VAL C   O    doub N N 284 
VAL C   OXT  sing N N 285 
VAL CB  CG1  sing N N 286 
VAL CB  CG2  sing N N 287 
VAL CB  HB   sing N N 288 
VAL CG1 HG11 sing N N 289 
VAL CG1 HG12 sing N N 290 
VAL CG1 HG13 sing N N 291 
VAL CG2 HG21 sing N N 292 
VAL CG2 HG22 sing N N 293 
VAL CG2 HG23 sing N N 294 
VAL OXT HXT  sing N N 295 
# 
_pdbx_nmr_spectrometer.spectrometer_id   1 
_pdbx_nmr_spectrometer.model             AVANCE 
_pdbx_nmr_spectrometer.manufacturer      Bruker 
_pdbx_nmr_spectrometer.field_strength    600 
_pdbx_nmr_spectrometer.type              ? 
# 
_atom_sites.entry_id                    1YG0 
_atom_sites.fract_transf_matrix[1][1]   1.000000 
_atom_sites.fract_transf_matrix[1][2]   0.000000 
_atom_sites.fract_transf_matrix[1][3]   0.000000 
_atom_sites.fract_transf_matrix[2][1]   0.000000 
_atom_sites.fract_transf_matrix[2][2]   1.000000 
_atom_sites.fract_transf_matrix[2][3]   0.000000 
_atom_sites.fract_transf_matrix[3][1]   0.000000 
_atom_sites.fract_transf_matrix[3][2]   0.000000 
_atom_sites.fract_transf_matrix[3][3]   1.000000 
_atom_sites.fract_transf_vector[1]      0.00000 
_atom_sites.fract_transf_vector[2]      0.00000 
_atom_sites.fract_transf_vector[3]      0.00000 
# 
loop_
_atom_type.symbol 
C 
H 
N 
O 
S 
# 
loop_
_atom_site.group_PDB 
_atom_site.id 
_atom_site.type_symbol 
_atom_site.label_atom_id 
_atom_site.label_alt_id 
_atom_site.label_comp_id 
_atom_site.label_asym_id 
_atom_site.label_entity_id 
_atom_site.label_seq_id 
_atom_site.pdbx_PDB_ins_code 
_atom_site.Cartn_x 
_atom_site.Cartn_y 
_atom_site.Cartn_z 
_atom_site.occupancy 
_atom_site.B_iso_or_equiv 
_atom_site.pdbx_formal_charge 
_atom_site.auth_seq_id 
_atom_site.auth_comp_id 
_atom_site.auth_asym_id 
_atom_site.auth_atom_id 
_atom_site.pdbx_PDB_model_num 
ATOM 1    N N    . MET A 1 1  ? 4.715   -11.626 -9.244  1.00 0.98 ? 1  MET A N    1 
ATOM 2    C CA   . MET A 1 1  ? 4.224   -11.336 -7.872  1.00 0.54 ? 1  MET A CA   1 
ATOM 3    C C    . MET A 1 1  ? 4.268   -9.839  -7.576  1.00 0.45 ? 1  MET A C    1 
ATOM 4    O O    . MET A 1 1  ? 5.077   -9.377  -6.771  1.00 0.56 ? 1  MET A O    1 
ATOM 5    C CB   . MET A 1 1  ? 5.095   -12.099 -6.872  1.00 1.17 ? 1  MET A CB   1 
ATOM 6    C CG   . MET A 1 1  ? 4.544   -13.467 -6.506  1.00 2.14 ? 1  MET A CG   1 
ATOM 7    S SD   . MET A 1 1  ? 5.844   -14.682 -6.209  1.00 2.91 ? 1  MET A SD   1 
ATOM 8    C CE   . MET A 1 1  ? 6.742   -14.601 -7.756  1.00 3.62 ? 1  MET A CE   1 
ATOM 9    H H1   . MET A 1 1  ? 4.049   -11.195 -9.917  1.00 1.65 ? 1  MET A H1   1 
ATOM 10   H H2   . MET A 1 1  ? 4.745   -12.660 -9.357  1.00 1.27 ? 1  MET A H2   1 
ATOM 11   H H3   . MET A 1 1  ? 5.662   -11.209 -9.338  1.00 1.48 ? 1  MET A H3   1 
ATOM 12   H HA   . MET A 1 1  ? 3.204   -11.681 -7.791  1.00 1.04 ? 1  MET A HA   1 
ATOM 13   H HB2  . MET A 1 1  ? 6.078   -12.233 -7.297  1.00 1.64 ? 1  MET A HB2  1 
ATOM 14   H HB3  . MET A 1 1  ? 5.180   -11.516 -5.967  1.00 1.57 ? 1  MET A HB3  1 
ATOM 15   H HG2  . MET A 1 1  ? 3.949   -13.374 -5.610  1.00 2.66 ? 1  MET A HG2  1 
ATOM 16   H HG3  . MET A 1 1  ? 3.920   -13.818 -7.316  1.00 2.60 ? 1  MET A HG3  1 
ATOM 17   H HE1  . MET A 1 1  ? 6.054   -14.394 -8.562  1.00 3.95 ? 1  MET A HE1  1 
ATOM 18   H HE2  . MET A 1 1  ? 7.234   -15.545 -7.937  1.00 3.94 ? 1  MET A HE2  1 
ATOM 19   H HE3  . MET A 1 1  ? 7.480   -13.814 -7.704  1.00 3.92 ? 1  MET A HE3  1 
ATOM 20   N N    . LYS A 1 2  ? 3.393   -9.086  -8.234  1.00 0.34 ? 2  LYS A N    1 
ATOM 21   C CA   . LYS A 1 2  ? 3.331   -7.642  -8.043  1.00 0.35 ? 2  LYS A CA   1 
ATOM 22   C C    . LYS A 1 2  ? 1.885   -7.158  -8.018  1.00 0.29 ? 2  LYS A C    1 
ATOM 23   O O    . LYS A 1 2  ? 0.993   -7.808  -8.564  1.00 0.35 ? 2  LYS A O    1 
ATOM 24   C CB   . LYS A 1 2  ? 4.102   -6.925  -9.152  1.00 0.45 ? 2  LYS A CB   1 
ATOM 25   C CG   . LYS A 1 2  ? 3.742   -7.402  -10.550 1.00 1.00 ? 2  LYS A CG   1 
ATOM 26   C CD   . LYS A 1 2  ? 4.274   -6.458  -11.615 1.00 1.42 ? 2  LYS A CD   1 
ATOM 27   C CE   . LYS A 1 2  ? 4.777   -7.217  -12.833 1.00 2.14 ? 2  LYS A CE   1 
ATOM 28   N NZ   . LYS A 1 2  ? 4.868   -6.342  -14.033 1.00 2.76 ? 2  LYS A NZ   1 
ATOM 29   H H    . LYS A 1 2  ? 2.773   -9.511  -8.863  1.00 0.37 ? 2  LYS A H    1 
ATOM 30   H HA   . LYS A 1 2  ? 3.790   -7.414  -7.092  1.00 0.46 ? 2  LYS A HA   1 
ATOM 31   H HB2  . LYS A 1 2  ? 3.897   -5.867  -9.092  1.00 0.94 ? 2  LYS A HB2  1 
ATOM 32   H HB3  . LYS A 1 2  ? 5.160   -7.087  -9.002  1.00 1.04 ? 2  LYS A HB3  1 
ATOM 33   H HG2  . LYS A 1 2  ? 4.169   -8.382  -10.706 1.00 1.65 ? 2  LYS A HG2  1 
ATOM 34   H HG3  . LYS A 1 2  ? 2.667   -7.458  -10.635 1.00 1.58 ? 2  LYS A HG3  1 
ATOM 35   H HD2  . LYS A 1 2  ? 3.481   -5.793  -11.922 1.00 1.87 ? 2  LYS A HD2  1 
ATOM 36   H HD3  . LYS A 1 2  ? 5.089   -5.883  -11.199 1.00 1.85 ? 2  LYS A HD3  1 
ATOM 37   H HE2  . LYS A 1 2  ? 5.756   -7.615  -12.614 1.00 2.58 ? 2  LYS A HE2  1 
ATOM 38   H HE3  . LYS A 1 2  ? 4.097   -8.030  -13.039 1.00 2.57 ? 2  LYS A HE3  1 
ATOM 39   H HZ1  . LYS A 1 2  ? 3.931   -5.955  -14.266 1.00 3.14 ? 2  LYS A HZ1  1 
ATOM 40   H HZ2  . LYS A 1 2  ? 5.214   -6.888  -14.848 1.00 3.11 ? 2  LYS A HZ2  1 
ATOM 41   H HZ3  . LYS A 1 2  ? 5.523   -5.555  -13.854 1.00 3.05 ? 2  LYS A HZ3  1 
ATOM 42   N N    . ALA A 1 3  ? 1.660   -6.012  -7.382  1.00 0.23 ? 3  ALA A N    1 
ATOM 43   C CA   . ALA A 1 3  ? 0.323   -5.441  -7.286  1.00 0.20 ? 3  ALA A CA   1 
ATOM 44   C C    . ALA A 1 3  ? 0.327   -3.971  -7.690  1.00 0.21 ? 3  ALA A C    1 
ATOM 45   O O    . ALA A 1 3  ? 1.331   -3.277  -7.532  1.00 0.37 ? 3  ALA A O    1 
ATOM 46   C CB   . ALA A 1 3  ? -0.220  -5.605  -5.874  1.00 0.27 ? 3  ALA A CB   1 
ATOM 47   H H    . ALA A 1 3  ? 2.412   -5.540  -6.967  1.00 0.27 ? 3  ALA A H    1 
ATOM 48   H HA   . ALA A 1 3  ? -0.322  -5.988  -7.961  1.00 0.22 ? 3  ALA A HA   1 
ATOM 49   H HB1  . ALA A 1 3  ? -0.607  -4.659  -5.524  1.00 0.77 ? 3  ALA A HB1  1 
ATOM 50   H HB2  . ALA A 1 3  ? 0.573   -5.934  -5.219  1.00 0.98 ? 3  ALA A HB2  1 
ATOM 51   H HB3  . ALA A 1 3  ? -1.013  -6.338  -5.876  1.00 0.91 ? 3  ALA A HB3  1 
ATOM 52   N N    . THR A 1 4  ? -0.802  -3.503  -8.211  1.00 0.18 ? 4  THR A N    1 
ATOM 53   C CA   . THR A 1 4  ? -0.927  -2.114  -8.636  1.00 0.22 ? 4  THR A CA   1 
ATOM 54   C C    . THR A 1 4  ? -2.299  -1.555  -8.277  1.00 0.24 ? 4  THR A C    1 
ATOM 55   O O    . THR A 1 4  ? -3.309  -1.936  -8.866  1.00 0.34 ? 4  THR A O    1 
ATOM 56   C CB   . THR A 1 4  ? -0.695  -1.998  -10.144 1.00 0.33 ? 4  THR A CB   1 
ATOM 57   O OG1  . THR A 1 4  ? -0.986  -0.687  -10.597 1.00 0.44 ? 4  THR A OG1  1 
ATOM 58   C CG2  . THR A 1 4  ? -1.535  -2.960  -10.954 1.00 0.38 ? 4  THR A CG2  1 
ATOM 59   H H    . THR A 1 4  ? -1.569  -4.105  -8.312  1.00 0.26 ? 4  THR A H    1 
ATOM 60   H HA   . THR A 1 4  ? -0.170  -1.541  -8.120  1.00 0.24 ? 4  THR A HA   1 
ATOM 61   H HB   . THR A 1 4  ? 0.344   -2.206  -10.355 1.00 0.39 ? 4  THR A HB   1 
ATOM 62   H HG1  . THR A 1 4  ? -0.517  -0.049  -10.054 1.00 0.67 ? 4  THR A HG1  1 
ATOM 63   H HG21 . THR A 1 4  ? -2.236  -3.462  -10.304 1.00 0.90 ? 4  THR A HG21 1 
ATOM 64   H HG22 . THR A 1 4  ? -0.893  -3.691  -11.425 1.00 0.93 ? 4  THR A HG22 1 
ATOM 65   H HG23 . THR A 1 4  ? -2.076  -2.416  -11.714 1.00 0.94 ? 4  THR A HG23 1 
ATOM 66   N N    . PHE A 1 5  ? -2.324  -0.639  -7.312  1.00 0.21 ? 5  PHE A N    1 
ATOM 67   C CA   . PHE A 1 5  ? -3.567  -0.017  -6.878  1.00 0.29 ? 5  PHE A CA   1 
ATOM 68   C C    . PHE A 1 5  ? -3.422  1.497   -6.892  1.00 0.30 ? 5  PHE A C    1 
ATOM 69   O O    . PHE A 1 5  ? -2.434  2.030   -7.399  1.00 0.56 ? 5  PHE A O    1 
ATOM 70   C CB   . PHE A 1 5  ? -3.956  -0.479  -5.468  1.00 0.36 ? 5  PHE A CB   1 
ATOM 71   C CG   . PHE A 1 5  ? -3.589  -1.904  -5.159  1.00 0.35 ? 5  PHE A CG   1 
ATOM 72   C CD1  . PHE A 1 5  ? -3.815  -2.910  -6.083  1.00 1.04 ? 5  PHE A CD1  1 
ATOM 73   C CD2  . PHE A 1 5  ? -3.021  -2.235  -3.937  1.00 1.33 ? 5  PHE A CD2  1 
ATOM 74   C CE1  . PHE A 1 5  ? -3.479  -4.221  -5.797  1.00 1.08 ? 5  PHE A CE1  1 
ATOM 75   C CE2  . PHE A 1 5  ? -2.685  -3.543  -3.646  1.00 1.40 ? 5  PHE A CE2  1 
ATOM 76   C CZ   . PHE A 1 5  ? -2.914  -4.537  -4.577  1.00 0.63 ? 5  PHE A CZ   1 
ATOM 77   H H    . PHE A 1 5  ? -1.482  -0.366  -6.889  1.00 0.18 ? 5  PHE A H    1 
ATOM 78   H HA   . PHE A 1 5  ? -4.345  -0.301  -7.572  1.00 0.36 ? 5  PHE A HA   1 
ATOM 79   H HB2  . PHE A 1 5  ? -3.462  0.151   -4.744  1.00 0.44 ? 5  PHE A HB2  1 
ATOM 80   H HB3  . PHE A 1 5  ? -5.025  -0.379  -5.350  1.00 0.53 ? 5  PHE A HB3  1 
ATOM 81   H HD1  . PHE A 1 5  ? -4.259  -2.665  -7.036  1.00 1.90 ? 5  PHE A HD1  1 
ATOM 82   H HD2  . PHE A 1 5  ? -2.841  -1.458  -3.207  1.00 2.18 ? 5  PHE A HD2  1 
ATOM 83   H HE1  . PHE A 1 5  ? -3.660  -4.996  -6.527  1.00 1.91 ? 5  PHE A HE1  1 
ATOM 84   H HE2  . PHE A 1 5  ? -2.243  -3.788  -2.691  1.00 2.28 ? 5  PHE A HE2  1 
ATOM 85   H HZ   . PHE A 1 5  ? -2.652  -5.559  -4.352  1.00 0.77 ? 5  PHE A HZ   1 
ATOM 86   N N    . GLN A 1 6  ? -4.400  2.189   -6.323  1.00 0.25 ? 6  GLN A N    1 
ATOM 87   C CA   . GLN A 1 6  ? -4.358  3.640   -6.268  1.00 0.30 ? 6  GLN A CA   1 
ATOM 88   C C    . GLN A 1 6  ? -5.154  4.166   -5.081  1.00 0.26 ? 6  GLN A C    1 
ATOM 89   O O    . GLN A 1 6  ? -6.320  3.818   -4.895  1.00 0.30 ? 6  GLN A O    1 
ATOM 90   C CB   . GLN A 1 6  ? -4.904  4.237   -7.567  1.00 0.43 ? 6  GLN A CB   1 
ATOM 91   C CG   . GLN A 1 6  ? -6.226  3.629   -8.007  1.00 1.15 ? 6  GLN A CG   1 
ATOM 92   C CD   . GLN A 1 6  ? -6.945  4.481   -9.036  1.00 1.56 ? 6  GLN A CD   1 
ATOM 93   O OE1  . GLN A 1 6  ? -7.196  5.665   -8.812  1.00 1.88 ? 6  GLN A OE1  1 
ATOM 94   N NE2  . GLN A 1 6  ? -7.280  3.879   -10.172 1.00 2.40 ? 6  GLN A NE2  1 
ATOM 95   H H    . GLN A 1 6  ? -5.159  1.713   -5.927  1.00 0.43 ? 6  GLN A H    1 
ATOM 96   H HA   . GLN A 1 6  ? -3.327  3.938   -6.154  1.00 0.36 ? 6  GLN A HA   1 
ATOM 97   H HB2  . GLN A 1 6  ? -5.050  5.299   -7.429  1.00 1.19 ? 6  GLN A HB2  1 
ATOM 98   H HB3  . GLN A 1 6  ? -4.181  4.081   -8.353  1.00 1.24 ? 6  GLN A HB3  1 
ATOM 99   H HG2  . GLN A 1 6  ? -6.036  2.657   -8.437  1.00 1.78 ? 6  GLN A HG2  1 
ATOM 100  H HG3  . GLN A 1 6  ? -6.863  3.521   -7.141  1.00 1.87 ? 6  GLN A HG3  1 
ATOM 101  H HE21 . GLN A 1 6  ? -7.048  2.933   -10.280 1.00 2.78 ? 6  GLN A HE21 1 
ATOM 102  H HE22 . GLN A 1 6  ? -7.745  4.407   -10.854 1.00 2.87 ? 6  GLN A HE22 1 
ATOM 103  N N    . VAL A 1 7  ? -4.513  5.015   -4.290  1.00 0.30 ? 7  VAL A N    1 
ATOM 104  C CA   . VAL A 1 7  ? -5.151  5.610   -3.125  1.00 0.35 ? 7  VAL A CA   1 
ATOM 105  C C    . VAL A 1 7  ? -5.694  6.993   -3.467  1.00 0.36 ? 7  VAL A C    1 
ATOM 106  O O    . VAL A 1 7  ? -4.950  7.973   -3.469  1.00 0.40 ? 7  VAL A O    1 
ATOM 107  C CB   . VAL A 1 7  ? -4.167  5.735   -1.948  1.00 0.48 ? 7  VAL A CB   1 
ATOM 108  C CG1  . VAL A 1 7  ? -4.876  6.270   -0.714  1.00 1.37 ? 7  VAL A CG1  1 
ATOM 109  C CG2  . VAL A 1 7  ? -3.511  4.394   -1.656  1.00 1.42 ? 7  VAL A CG2  1 
ATOM 110  H H    . VAL A 1 7  ? -3.588  5.254   -4.499  1.00 0.35 ? 7  VAL A H    1 
ATOM 111  H HA   . VAL A 1 7  ? -5.966  4.969   -2.824  1.00 0.37 ? 7  VAL A HA   1 
ATOM 112  H HB   . VAL A 1 7  ? -3.394  6.437   -2.224  1.00 0.99 ? 7  VAL A HB   1 
ATOM 113  H HG11 . VAL A 1 7  ? -5.566  5.527   -0.344  1.00 2.08 ? 7  VAL A HG11 1 
ATOM 114  H HG12 . VAL A 1 7  ? -5.420  7.167   -0.974  1.00 1.76 ? 7  VAL A HG12 1 
ATOM 115  H HG13 . VAL A 1 7  ? -4.149  6.499   0.049   1.00 1.89 ? 7  VAL A HG13 1 
ATOM 116  H HG21 . VAL A 1 7  ? -2.531  4.556   -1.235  1.00 2.00 ? 7  VAL A HG21 1 
ATOM 117  H HG22 . VAL A 1 7  ? -3.420  3.831   -2.574  1.00 1.83 ? 7  VAL A HG22 1 
ATOM 118  H HG23 . VAL A 1 7  ? -4.118  3.841   -0.955  1.00 2.11 ? 7  VAL A HG23 1 
ATOM 119  N N    . PRO A 1 8  ? -6.998  7.097   -3.771  1.00 0.39 ? 8  PRO A N    1 
ATOM 120  C CA   . PRO A 1 8  ? -7.616  8.376   -4.123  1.00 0.44 ? 8  PRO A CA   1 
ATOM 121  C C    . PRO A 1 8  ? -7.490  9.411   -3.008  1.00 0.47 ? 8  PRO A C    1 
ATOM 122  O O    . PRO A 1 8  ? -7.640  10.610  -3.244  1.00 0.52 ? 8  PRO A O    1 
ATOM 123  C CB   . PRO A 1 8  ? -9.088  8.023   -4.371  1.00 0.55 ? 8  PRO A CB   1 
ATOM 124  C CG   . PRO A 1 8  ? -9.289  6.696   -3.722  1.00 0.57 ? 8  PRO A CG   1 
ATOM 125  C CD   . PRO A 1 8  ? -7.967  5.989   -3.806  1.00 0.47 ? 8  PRO A CD   1 
ATOM 126  H HA   . PRO A 1 8  ? -7.182  8.774   -5.028  1.00 0.43 ? 8  PRO A HA   1 
ATOM 127  H HB2  . PRO A 1 8  ? -9.720  8.779   -3.927  1.00 0.62 ? 8  PRO A HB2  1 
ATOM 128  H HB3  . PRO A 1 8  ? -9.274  7.973   -5.434  1.00 0.58 ? 8  PRO A HB3  1 
ATOM 129  H HG2  . PRO A 1 8  ? -9.577  6.832   -2.690  1.00 0.61 ? 8  PRO A HG2  1 
ATOM 130  H HG3  . PRO A 1 8  ? -10.047 6.139   -4.253  1.00 0.64 ? 8  PRO A HG3  1 
ATOM 131  H HD2  . PRO A 1 8  ? -7.836  5.333   -2.959  1.00 0.49 ? 8  PRO A HD2  1 
ATOM 132  H HD3  . PRO A 1 8  ? -7.891  5.438   -4.730  1.00 0.48 ? 8  PRO A HD3  1 
ATOM 133  N N    . SER A 1 9  ? -7.209  8.944   -1.795  1.00 0.47 ? 9  SER A N    1 
ATOM 134  C CA   . SER A 1 9  ? -7.058  9.834   -0.650  1.00 0.53 ? 9  SER A CA   1 
ATOM 135  C C    . SER A 1 9  ? -5.587  10.166  -0.413  1.00 0.46 ? 9  SER A C    1 
ATOM 136  O O    . SER A 1 9  ? -5.136  10.257  0.729   1.00 0.78 ? 9  SER A O    1 
ATOM 137  C CB   . SER A 1 9  ? -7.658  9.194   0.603   1.00 0.71 ? 9  SER A CB   1 
ATOM 138  O OG   . SER A 1 9  ? -8.307  10.162  1.410   1.00 1.48 ? 9  SER A OG   1 
ATOM 139  H H    . SER A 1 9  ? -7.097  7.979   -1.667  1.00 0.47 ? 9  SER A H    1 
ATOM 140  H HA   . SER A 1 9  ? -7.590  10.748  -0.868  1.00 0.66 ? 9  SER A HA   1 
ATOM 141  H HB2  . SER A 1 9  ? -8.380  8.445   0.312   1.00 1.13 ? 9  SER A HB2  1 
ATOM 142  H HB3  . SER A 1 9  ? -6.871  8.732   1.181   1.00 1.23 ? 9  SER A HB3  1 
ATOM 143  H HG   . SER A 1 9  ? -8.850  9.720   2.068   1.00 1.90 ? 9  SER A HG   1 
ATOM 144  N N    . ILE A 1 10 ? -4.846  10.343  -1.502  1.00 0.53 ? 10 ILE A N    1 
ATOM 145  C CA   . ILE A 1 10 ? -3.426  10.663  -1.422  1.00 0.57 ? 10 ILE A CA   1 
ATOM 146  C C    . ILE A 1 10 ? -3.217  12.175  -1.263  1.00 0.67 ? 10 ILE A C    1 
ATOM 147  O O    . ILE A 1 10 ? -4.111  12.878  -0.789  1.00 1.33 ? 10 ILE A O    1 
ATOM 148  C CB   . ILE A 1 10 ? -2.677  10.124  -2.668  1.00 0.68 ? 10 ILE A CB   1 
ATOM 149  C CG1  . ILE A 1 10 ? -1.218  9.805   -2.324  1.00 0.79 ? 10 ILE A CG1  1 
ATOM 150  C CG2  . ILE A 1 10 ? -2.760  11.102  -3.835  1.00 0.81 ? 10 ILE A CG2  1 
ATOM 151  C CD1  . ILE A 1 10 ? -0.859  8.346   -2.506  1.00 1.02 ? 10 ILE A CD1  1 
ATOM 152  H H    . ILE A 1 10 ? -5.264  10.256  -2.383  1.00 0.81 ? 10 ILE A H    1 
ATOM 153  H HA   . ILE A 1 10 ? -3.027  10.166  -0.549  1.00 0.62 ? 10 ILE A HA   1 
ATOM 154  H HB   . ILE A 1 10 ? -3.165  9.211   -2.975  1.00 0.79 ? 10 ILE A HB   1 
ATOM 155  H HG12 . ILE A 1 10 ? -0.567  10.387  -2.959  1.00 1.01 ? 10 ILE A HG12 1 
ATOM 156  H HG13 . ILE A 1 10 ? -1.032  10.066  -1.291  1.00 0.98 ? 10 ILE A HG13 1 
ATOM 157  H HG21 . ILE A 1 10 ? -1.842  11.668  -3.898  1.00 1.21 ? 10 ILE A HG21 1 
ATOM 158  H HG22 . ILE A 1 10 ? -3.588  11.779  -3.681  1.00 1.25 ? 10 ILE A HG22 1 
ATOM 159  H HG23 . ILE A 1 10 ? -2.909  10.555  -4.754  1.00 1.47 ? 10 ILE A HG23 1 
ATOM 160  H HD11 . ILE A 1 10 ? -0.707  8.141   -3.555  1.00 1.52 ? 10 ILE A HD11 1 
ATOM 161  H HD12 . ILE A 1 10 ? -1.663  7.729   -2.132  1.00 1.38 ? 10 ILE A HD12 1 
ATOM 162  H HD13 . ILE A 1 10 ? 0.047   8.127   -1.961  1.00 1.58 ? 10 ILE A HD13 1 
ATOM 163  N N    . THR A 1 11 ? -2.040  12.673  -1.653  1.00 0.56 ? 11 THR A N    1 
ATOM 164  C CA   . THR A 1 11 ? -1.723  14.097  -1.548  1.00 0.59 ? 11 THR A CA   1 
ATOM 165  C C    . THR A 1 11 ? -1.289  14.452  -0.129  1.00 0.65 ? 11 THR A C    1 
ATOM 166  O O    . THR A 1 11 ? -1.834  15.366  0.490   1.00 1.35 ? 11 THR A O    1 
ATOM 167  C CB   . THR A 1 11 ? -2.921  14.958  -1.964  1.00 1.12 ? 11 THR A CB   1 
ATOM 168  O OG1  . THR A 1 11 ? -3.619  14.361  -3.042  1.00 2.04 ? 11 THR A OG1  1 
ATOM 169  C CG2  . THR A 1 11 ? -2.533  16.358  -2.388  1.00 1.85 ? 11 THR A CG2  1 
ATOM 170  H H    . THR A 1 11 ? -1.365  12.069  -2.017  1.00 0.98 ? 11 THR A H    1 
ATOM 171  H HA   . THR A 1 11 ? -0.901  14.298  -2.218  1.00 0.70 ? 11 THR A HA   1 
ATOM 172  H HB   . THR A 1 11 ? -3.598  15.042  -1.126  1.00 1.36 ? 11 THR A HB   1 
ATOM 173  H HG1  . THR A 1 11 ? -4.527  14.195  -2.783  1.00 2.34 ? 11 THR A HG1  1 
ATOM 174  H HG21 . THR A 1 11 ? -2.335  16.959  -1.512  1.00 2.27 ? 11 THR A HG21 1 
ATOM 175  H HG22 . THR A 1 11 ? -3.340  16.800  -2.953  1.00 2.32 ? 11 THR A HG22 1 
ATOM 176  H HG23 . THR A 1 11 ? -1.645  16.315  -3.002  1.00 2.42 ? 11 THR A HG23 1 
ATOM 177  N N    . CYS A 1 12 ? -0.301  13.722  0.378   1.00 0.74 ? 12 CYS A N    1 
ATOM 178  C CA   . CYS A 1 12 ? 0.214   13.958  1.721   1.00 1.02 ? 12 CYS A CA   1 
ATOM 179  C C    . CYS A 1 12 ? 1.369   13.011  2.035   1.00 0.49 ? 12 CYS A C    1 
ATOM 180  O O    . CYS A 1 12 ? 1.579   12.019  1.337   1.00 1.09 ? 12 CYS A O    1 
ATOM 181  C CB   . CYS A 1 12 ? -0.899  13.784  2.756   1.00 1.94 ? 12 CYS A CB   1 
ATOM 182  S SG   . CYS A 1 12 ? -0.803  14.940  4.144   1.00 3.16 ? 12 CYS A SG   1 
ATOM 183  H H    . CYS A 1 12 ? 0.094   13.009  -0.167  1.00 1.15 ? 12 CYS A H    1 
ATOM 184  H HA   . CYS A 1 12 ? 0.576   14.974  1.762   1.00 1.56 ? 12 CYS A HA   1 
ATOM 185  H HB2  . CYS A 1 12 ? -1.854  13.929  2.275   1.00 2.40 ? 12 CYS A HB2  1 
ATOM 186  H HB3  . CYS A 1 12 ? -0.853  12.782  3.159   1.00 2.17 ? 12 CYS A HB3  1 
ATOM 187  H HG   . CYS A 1 12 ? 0.026   15.418  4.075   1.00 3.56 ? 12 CYS A HG   1 
ATOM 188  N N    . ASN A 1 13 ? 2.116   13.327  3.089   1.00 0.66 ? 13 ASN A N    1 
ATOM 189  C CA   . ASN A 1 13 ? 3.251   12.506  3.495   1.00 0.93 ? 13 ASN A CA   1 
ATOM 190  C C    . ASN A 1 13 ? 2.910   11.676  4.728   1.00 0.72 ? 13 ASN A C    1 
ATOM 191  O O    . ASN A 1 13 ? 3.411   10.565  4.899   1.00 0.66 ? 13 ASN A O    1 
ATOM 192  C CB   . ASN A 1 13 ? 4.468   13.386  3.778   1.00 1.74 ? 13 ASN A CB   1 
ATOM 193  C CG   . ASN A 1 13 ? 5.248   13.719  2.521   1.00 2.58 ? 13 ASN A CG   1 
ATOM 194  O OD1  . ASN A 1 13 ? 4.811   14.528  1.702   1.00 2.93 ? 13 ASN A OD1  1 
ATOM 195  N ND2  . ASN A 1 13 ? 6.408   13.093  2.361   1.00 3.45 ? 13 ASN A ND2  1 
ATOM 196  H H    . ASN A 1 13 ? 1.899   14.131  3.605   1.00 1.23 ? 13 ASN A H    1 
ATOM 197  H HA   . ASN A 1 13 ? 3.483   11.837  2.679   1.00 1.20 ? 13 ASN A HA   1 
ATOM 198  H HB2  . ASN A 1 13 ? 4.140   14.311  4.230   1.00 1.91 ? 13 ASN A HB2  1 
ATOM 199  H HB3  . ASN A 1 13 ? 5.126   12.871  4.462   1.00 2.21 ? 13 ASN A HB3  1 
ATOM 200  H HD21 . ASN A 1 13 ? 6.692   12.461  3.054   1.00 3.58 ? 13 ASN A HD21 1 
ATOM 201  H HD22 . ASN A 1 13 ? 6.932   13.289  1.556   1.00 4.15 ? 13 ASN A HD22 1 
ATOM 202  N N    . HIS A 1 14 ? 2.055   12.224  5.587   1.00 0.71 ? 14 HIS A N    1 
ATOM 203  C CA   . HIS A 1 14 ? 1.649   11.534  6.806   1.00 0.62 ? 14 HIS A CA   1 
ATOM 204  C C    . HIS A 1 14 ? 0.989   10.198  6.481   1.00 0.55 ? 14 HIS A C    1 
ATOM 205  O O    . HIS A 1 14 ? 1.162   9.217   7.205   1.00 0.50 ? 14 HIS A O    1 
ATOM 206  C CB   . HIS A 1 14 ? 0.688   12.406  7.614   1.00 0.84 ? 14 HIS A CB   1 
ATOM 207  C CG   . HIS A 1 14 ? 1.325   13.636  8.181   1.00 1.16 ? 14 HIS A CG   1 
ATOM 208  N ND1  . HIS A 1 14 ? 0.688   14.472  9.073   1.00 2.04 ? 14 HIS A ND1  1 
ATOM 209  C CD2  . HIS A 1 14 ? 2.553   14.171  7.979   1.00 1.80 ? 14 HIS A CD2  1 
ATOM 210  C CE1  . HIS A 1 14 ? 1.495   15.468  9.394   1.00 2.61 ? 14 HIS A CE1  1 
ATOM 211  N NE2  . HIS A 1 14 ? 2.633   15.308  8.744   1.00 2.41 ? 14 HIS A NE2  1 
ATOM 212  H H    . HIS A 1 14 ? 1.689   13.113  5.396   1.00 0.84 ? 14 HIS A H    1 
ATOM 213  H HA   . HIS A 1 14 ? 2.535   11.350  7.393   1.00 0.52 ? 14 HIS A HA   1 
ATOM 214  H HB2  . HIS A 1 14 ? -0.127  12.718  6.979   1.00 1.50 ? 14 HIS A HB2  1 
ATOM 215  H HB3  . HIS A 1 14 ? 0.293   11.826  8.436   1.00 1.07 ? 14 HIS A HB3  1 
ATOM 216  H HD1  . HIS A 1 14 ? -0.221  14.354  9.419   1.00 2.55 ? 14 HIS A HD1  1 
ATOM 217  H HD2  . HIS A 1 14 ? 3.326   13.776  7.335   1.00 2.35 ? 14 HIS A HD2  1 
ATOM 218  H HE1  . HIS A 1 14 ? 1.264   16.275  10.073  1.00 3.45 ? 14 HIS A HE1  1 
ATOM 219  H HE2  . HIS A 1 14 ? 3.372   15.951  8.732   1.00 2.99 ? 14 HIS A HE2  1 
ATOM 220  N N    . CYS A 1 15 ? 0.233   10.169  5.391   1.00 0.60 ? 15 CYS A N    1 
ATOM 221  C CA   . CYS A 1 15 ? -0.455  8.954   4.971   1.00 0.56 ? 15 CYS A CA   1 
ATOM 222  C C    . CYS A 1 15 ? 0.538   7.916   4.461   1.00 0.49 ? 15 CYS A C    1 
ATOM 223  O O    . CYS A 1 15 ? 0.382   6.720   4.704   1.00 0.49 ? 15 CYS A O    1 
ATOM 224  C CB   . CYS A 1 15 ? -1.480  9.274   3.881   1.00 0.63 ? 15 CYS A CB   1 
ATOM 225  S SG   . CYS A 1 15 ? -3.039  9.941   4.507   1.00 1.20 ? 15 CYS A SG   1 
ATOM 226  H H    . CYS A 1 15 ? 0.134   10.985  4.857   1.00 0.69 ? 15 CYS A H    1 
ATOM 227  H HA   . CYS A 1 15 ? -0.969  8.551   5.828   1.00 0.56 ? 15 CYS A HA   1 
ATOM 228  H HB2  . CYS A 1 15 ? -1.060  10.004  3.205   1.00 0.92 ? 15 CYS A HB2  1 
ATOM 229  H HB3  . CYS A 1 15 ? -1.705  8.371   3.333   1.00 0.72 ? 15 CYS A HB3  1 
ATOM 230  H HG   . CYS A 1 15 ? -3.757  9.513   4.034   1.00 1.65 ? 15 CYS A HG   1 
ATOM 231  N N    . VAL A 1 16 ? 1.559   8.383   3.753   1.00 0.48 ? 16 VAL A N    1 
ATOM 232  C CA   . VAL A 1 16 ? 2.580   7.495   3.208   1.00 0.43 ? 16 VAL A CA   1 
ATOM 233  C C    . VAL A 1 16 ? 3.365   6.813   4.322   1.00 0.36 ? 16 VAL A C    1 
ATOM 234  O O    . VAL A 1 16 ? 3.700   5.632   4.225   1.00 0.37 ? 16 VAL A O    1 
ATOM 235  C CB   . VAL A 1 16 ? 3.560   8.257   2.294   1.00 0.50 ? 16 VAL A CB   1 
ATOM 236  C CG1  . VAL A 1 16 ? 4.519   7.291   1.614   1.00 0.51 ? 16 VAL A CG1  1 
ATOM 237  C CG2  . VAL A 1 16 ? 2.801   9.079   1.263   1.00 0.54 ? 16 VAL A CG2  1 
ATOM 238  H H    . VAL A 1 16 ? 1.629   9.347   3.594   1.00 0.54 ? 16 VAL A H    1 
ATOM 239  H HA   . VAL A 1 16 ? 2.082   6.740   2.619   1.00 0.44 ? 16 VAL A HA   1 
ATOM 240  H HB   . VAL A 1 16 ? 4.139   8.932   2.906   1.00 0.53 ? 16 VAL A HB   1 
ATOM 241  H HG11 . VAL A 1 16 ? 5.008   7.790   0.792   1.00 1.08 ? 16 VAL A HG11 1 
ATOM 242  H HG12 . VAL A 1 16 ? 3.968   6.439   1.243   1.00 1.19 ? 16 VAL A HG12 1 
ATOM 243  H HG13 . VAL A 1 16 ? 5.259   6.959   2.326   1.00 1.11 ? 16 VAL A HG13 1 
ATOM 244  H HG21 . VAL A 1 16 ? 1.780   9.212   1.587   1.00 1.21 ? 16 VAL A HG21 1 
ATOM 245  H HG22 . VAL A 1 16 ? 2.814   8.567   0.313   1.00 1.16 ? 16 VAL A HG22 1 
ATOM 246  H HG23 . VAL A 1 16 ? 3.272   10.046  1.157   1.00 1.10 ? 16 VAL A HG23 1 
ATOM 247  N N    . ASP A 1 17 ? 3.655   7.563   5.377   1.00 0.35 ? 17 ASP A N    1 
ATOM 248  C CA   . ASP A 1 17 ? 4.402   7.032   6.512   1.00 0.30 ? 17 ASP A CA   1 
ATOM 249  C C    . ASP A 1 17 ? 3.571   6.010   7.282   1.00 0.28 ? 17 ASP A C    1 
ATOM 250  O O    . ASP A 1 17 ? 4.107   5.054   7.840   1.00 0.29 ? 17 ASP A O    1 
ATOM 251  C CB   . ASP A 1 17 ? 4.828   8.167   7.445   1.00 0.35 ? 17 ASP A CB   1 
ATOM 252  C CG   . ASP A 1 17 ? 6.190   8.729   7.086   1.00 1.08 ? 17 ASP A CG   1 
ATOM 253  O OD1  . ASP A 1 17 ? 6.633   8.525   5.936   1.00 2.04 ? 17 ASP A OD1  1 
ATOM 254  O OD2  . ASP A 1 17 ? 6.814   9.373   7.955   1.00 1.46 ? 17 ASP A OD2  1 
ATOM 255  H H    . ASP A 1 17 ? 3.359   8.497   5.393   1.00 0.42 ? 17 ASP A H    1 
ATOM 256  H HA   . ASP A 1 17 ? 5.285   6.543   6.127   1.00 0.28 ? 17 ASP A HA   1 
ATOM 257  H HB2  . ASP A 1 17 ? 4.104   8.965   7.385   1.00 0.94 ? 17 ASP A HB2  1 
ATOM 258  H HB3  . ASP A 1 17 ? 4.867   7.796   8.458   1.00 0.82 ? 17 ASP A HB3  1 
ATOM 259  N N    . LYS A 1 18 ? 2.259   6.220   7.305   1.00 0.31 ? 18 LYS A N    1 
ATOM 260  C CA   . LYS A 1 18 ? 1.353   5.317   8.004   1.00 0.34 ? 18 LYS A CA   1 
ATOM 261  C C    . LYS A 1 18 ? 1.158   4.032   7.210   1.00 0.29 ? 18 LYS A C    1 
ATOM 262  O O    . LYS A 1 18 ? 1.149   2.937   7.771   1.00 0.28 ? 18 LYS A O    1 
ATOM 263  C CB   . LYS A 1 18 ? 0.004   5.996   8.244   1.00 0.44 ? 18 LYS A CB   1 
ATOM 264  C CG   . LYS A 1 18 ? -0.604  5.680   9.600   1.00 1.13 ? 18 LYS A CG   1 
ATOM 265  C CD   . LYS A 1 18 ? 0.167   6.349   10.727  1.00 1.38 ? 18 LYS A CD   1 
ATOM 266  C CE   . LYS A 1 18 ? -0.768  6.911   11.786  1.00 2.23 ? 18 LYS A CE   1 
ATOM 267  N NZ   . LYS A 1 18 ? -1.065  5.912   12.850  1.00 2.86 ? 18 LYS A NZ   1 
ATOM 268  H H    . LYS A 1 18 ? 1.892   6.998   6.839   1.00 0.34 ? 18 LYS A H    1 
ATOM 269  H HA   . LYS A 1 18 ? 1.799   5.072   8.955   1.00 0.34 ? 18 LYS A HA   1 
ATOM 270  H HB2  . LYS A 1 18 ? 0.135   7.066   8.174   1.00 1.00 ? 18 LYS A HB2  1 
ATOM 271  H HB3  . LYS A 1 18 ? -0.690  5.676   7.479   1.00 1.00 ? 18 LYS A HB3  1 
ATOM 272  H HG2  . LYS A 1 18 ? -1.625  6.031   9.618   1.00 1.77 ? 18 LYS A HG2  1 
ATOM 273  H HG3  . LYS A 1 18 ? -0.587  4.610   9.751   1.00 1.76 ? 18 LYS A HG3  1 
ATOM 274  H HD2  . LYS A 1 18 ? 0.819   5.622   11.186  1.00 1.71 ? 18 LYS A HD2  1 
ATOM 275  H HD3  . LYS A 1 18 ? 0.757   7.156   10.316  1.00 1.64 ? 18 LYS A HD3  1 
ATOM 276  H HE2  . LYS A 1 18 ? -0.304  7.775   12.236  1.00 2.74 ? 18 LYS A HE2  1 
ATOM 277  H HE3  . LYS A 1 18 ? -1.693  7.204   11.312  1.00 2.62 ? 18 LYS A HE3  1 
ATOM 278  H HZ1  . LYS A 1 18 ? -1.885  6.220   13.411  1.00 3.16 ? 18 LYS A HZ1  1 
ATOM 279  H HZ2  . LYS A 1 18 ? -0.245  5.810   13.483  1.00 3.21 ? 18 LYS A HZ2  1 
ATOM 280  H HZ3  . LYS A 1 18 ? -1.276  4.987   12.424  1.00 3.27 ? 18 LYS A HZ3  1 
ATOM 281  N N    . ILE A 1 19 ? 1.008   4.176   5.900   1.00 0.30 ? 19 ILE A N    1 
ATOM 282  C CA   . ILE A 1 19 ? 0.820   3.029   5.023   1.00 0.28 ? 19 ILE A CA   1 
ATOM 283  C C    . ILE A 1 19 ? 2.132   2.276   4.836   1.00 0.23 ? 19 ILE A C    1 
ATOM 284  O O    . ILE A 1 19 ? 2.140   1.057   4.664   1.00 0.23 ? 19 ILE A O    1 
ATOM 285  C CB   . ILE A 1 19 ? 0.274   3.457   3.646   1.00 0.34 ? 19 ILE A CB   1 
ATOM 286  C CG1  . ILE A 1 19 ? -1.072  4.165   3.809   1.00 0.45 ? 19 ILE A CG1  1 
ATOM 287  C CG2  . ILE A 1 19 ? 0.135   2.253   2.723   1.00 0.38 ? 19 ILE A CG2  1 
ATOM 288  C CD1  . ILE A 1 19 ? -2.182  3.254   4.287   1.00 0.80 ? 19 ILE A CD1  1 
ATOM 289  H H    . ILE A 1 19 ? 1.030   5.076   5.514   1.00 0.33 ? 19 ILE A H    1 
ATOM 290  H HA   . ILE A 1 19 ? 0.101   2.369   5.486   1.00 0.30 ? 19 ILE A HA   1 
ATOM 291  H HB   . ILE A 1 19 ? 0.980   4.141   3.199   1.00 0.35 ? 19 ILE A HB   1 
ATOM 292  H HG12 . ILE A 1 19 ? -0.966  4.962   4.530   1.00 0.79 ? 19 ILE A HG12 1 
ATOM 293  H HG13 . ILE A 1 19 ? -1.369  4.583   2.859   1.00 0.62 ? 19 ILE A HG13 1 
ATOM 294  H HG21 . ILE A 1 19 ? 1.105   1.985   2.331   1.00 1.13 ? 19 ILE A HG21 1 
ATOM 295  H HG22 . ILE A 1 19 ? -0.528  2.499   1.907   1.00 1.02 ? 19 ILE A HG22 1 
ATOM 296  H HG23 . ILE A 1 19 ? -0.272  1.419   3.277   1.00 1.09 ? 19 ILE A HG23 1 
ATOM 297  H HD11 . ILE A 1 19 ? -2.833  3.799   4.955   1.00 1.40 ? 19 ILE A HD11 1 
ATOM 298  H HD12 . ILE A 1 19 ? -1.756  2.409   4.809   1.00 1.36 ? 19 ILE A HD12 1 
ATOM 299  H HD13 . ILE A 1 19 ? -2.750  2.904   3.438   1.00 1.38 ? 19 ILE A HD13 1 
ATOM 300  N N    . GLU A 1 20 ? 3.240   3.007   4.879   1.00 0.19 ? 20 GLU A N    1 
ATOM 301  C CA   . GLU A 1 20 ? 4.554   2.400   4.722   1.00 0.17 ? 20 GLU A CA   1 
ATOM 302  C C    . GLU A 1 20 ? 4.958   1.670   5.995   1.00 0.15 ? 20 GLU A C    1 
ATOM 303  O O    . GLU A 1 20 ? 5.679   0.673   5.949   1.00 0.16 ? 20 GLU A O    1 
ATOM 304  C CB   . GLU A 1 20 ? 5.599   3.460   4.370   1.00 0.19 ? 20 GLU A CB   1 
ATOM 305  C CG   . GLU A 1 20 ? 5.634   3.814   2.892   1.00 0.59 ? 20 GLU A CG   1 
ATOM 306  C CD   . GLU A 1 20 ? 7.046   3.903   2.346   1.00 1.15 ? 20 GLU A CD   1 
ATOM 307  O OE1  . GLU A 1 20 ? 7.661   4.983   2.465   1.00 1.73 ? 20 GLU A OE1  1 
ATOM 308  O OE2  . GLU A 1 20 ? 7.536   2.892   1.800   1.00 1.89 ? 20 GLU A OE2  1 
ATOM 309  H H    . GLU A 1 20 ? 3.173   3.974   5.025   1.00 0.21 ? 20 GLU A H    1 
ATOM 310  H HA   . GLU A 1 20 ? 4.492   1.683   3.918   1.00 0.19 ? 20 GLU A HA   1 
ATOM 311  H HB2  . GLU A 1 20 ? 5.385   4.360   4.930   1.00 0.46 ? 20 GLU A HB2  1 
ATOM 312  H HB3  . GLU A 1 20 ? 6.575   3.095   4.654   1.00 0.46 ? 20 GLU A HB3  1 
ATOM 313  H HG2  . GLU A 1 20 ? 5.099   3.056   2.342   1.00 0.88 ? 20 GLU A HG2  1 
ATOM 314  H HG3  . GLU A 1 20 ? 5.148   4.769   2.752   1.00 0.95 ? 20 GLU A HG3  1 
ATOM 315  N N    . LYS A 1 21 ? 4.481   2.164   7.133   1.00 0.17 ? 21 LYS A N    1 
ATOM 316  C CA   . LYS A 1 21 ? 4.786   1.541   8.413   1.00 0.20 ? 21 LYS A CA   1 
ATOM 317  C C    . LYS A 1 21 ? 4.070   0.201   8.527   1.00 0.21 ? 21 LYS A C    1 
ATOM 318  O O    . LYS A 1 21 ? 4.583   -0.743  9.127   1.00 0.23 ? 21 LYS A O    1 
ATOM 319  C CB   . LYS A 1 21 ? 4.379   2.460   9.568   1.00 0.25 ? 21 LYS A CB   1 
ATOM 320  C CG   . LYS A 1 21 ? 5.555   3.146   10.244  1.00 0.57 ? 21 LYS A CG   1 
ATOM 321  C CD   . LYS A 1 21 ? 6.179   2.259   11.310  1.00 1.29 ? 21 LYS A CD   1 
ATOM 322  C CE   . LYS A 1 21 ? 6.586   3.062   12.534  1.00 1.89 ? 21 LYS A CE   1 
ATOM 323  N NZ   . LYS A 1 21 ? 6.798   2.193   13.725  1.00 2.62 ? 21 LYS A NZ   1 
ATOM 324  H H    . LYS A 1 21 ? 3.902   2.957   7.110   1.00 0.19 ? 21 LYS A H    1 
ATOM 325  H HA   . LYS A 1 21 ? 5.852   1.370   8.454   1.00 0.21 ? 21 LYS A HA   1 
ATOM 326  H HB2  . LYS A 1 21 ? 3.715   3.224   9.188   1.00 0.46 ? 21 LYS A HB2  1 
ATOM 327  H HB3  . LYS A 1 21 ? 3.854   1.877   10.311  1.00 0.41 ? 21 LYS A HB3  1 
ATOM 328  H HG2  . LYS A 1 21 ? 6.302   3.375   9.499   1.00 1.19 ? 21 LYS A HG2  1 
ATOM 329  H HG3  . LYS A 1 21 ? 5.210   4.060   10.704  1.00 1.30 ? 21 LYS A HG3  1 
ATOM 330  H HD2  . LYS A 1 21 ? 5.460   1.509   11.606  1.00 1.94 ? 21 LYS A HD2  1 
ATOM 331  H HD3  . LYS A 1 21 ? 7.053   1.778   10.897  1.00 1.92 ? 21 LYS A HD3  1 
ATOM 332  H HE2  . LYS A 1 21 ? 7.504   3.588   12.316  1.00 2.28 ? 21 LYS A HE2  1 
ATOM 333  H HE3  . LYS A 1 21 ? 5.807   3.778   12.756  1.00 2.34 ? 21 LYS A HE3  1 
ATOM 334  H HZ1  . LYS A 1 21 ? 6.260   1.308   13.621  1.00 3.03 ? 21 LYS A HZ1  1 
ATOM 335  H HZ2  . LYS A 1 21 ? 6.480   2.680   14.585  1.00 3.16 ? 21 LYS A HZ2  1 
ATOM 336  H HZ3  . LYS A 1 21 ? 7.808   1.963   13.823  1.00 2.86 ? 21 LYS A HZ3  1 
ATOM 337  N N    . PHE A 1 22 ? 2.885   0.127   7.932   1.00 0.21 ? 22 PHE A N    1 
ATOM 338  C CA   . PHE A 1 22 ? 2.095   -1.096  7.949   1.00 0.23 ? 22 PHE A CA   1 
ATOM 339  C C    . PHE A 1 22 ? 2.433   -1.966  6.746   1.00 0.21 ? 22 PHE A C    1 
ATOM 340  O O    . PHE A 1 22 ? 2.740   -3.148  6.887   1.00 0.24 ? 22 PHE A O    1 
ATOM 341  C CB   . PHE A 1 22 ? 0.601   -0.767  7.956   1.00 0.26 ? 22 PHE A CB   1 
ATOM 342  C CG   . PHE A 1 22 ? 0.040   -0.552  9.332   1.00 0.52 ? 22 PHE A CG   1 
ATOM 343  C CD1  . PHE A 1 22 ? 0.615   0.369   10.193  1.00 1.30 ? 22 PHE A CD1  1 
ATOM 344  C CD2  . PHE A 1 22 ? -1.062  -1.271  9.764   1.00 1.20 ? 22 PHE A CD2  1 
ATOM 345  C CE1  . PHE A 1 22 ? 0.100   0.570   11.459  1.00 1.57 ? 22 PHE A CE1  1 
ATOM 346  C CE2  . PHE A 1 22 ? -1.582  -1.075  11.030  1.00 1.45 ? 22 PHE A CE2  1 
ATOM 347  C CZ   . PHE A 1 22 ? -1.001  -0.154  11.879  1.00 1.30 ? 22 PHE A CZ   1 
ATOM 348  H H    . PHE A 1 22 ? 2.535   0.912   7.461   1.00 0.21 ? 22 PHE A H    1 
ATOM 349  H HA   . PHE A 1 22 ? 2.342   -1.636  8.847   1.00 0.25 ? 22 PHE A HA   1 
ATOM 350  H HB2  . PHE A 1 22 ? 0.437   0.135   7.385   1.00 0.42 ? 22 PHE A HB2  1 
ATOM 351  H HB3  . PHE A 1 22 ? 0.059   -1.581  7.498   1.00 0.43 ? 22 PHE A HB3  1 
ATOM 352  H HD1  . PHE A 1 22 ? 1.474   0.935   9.866   1.00 1.96 ? 22 PHE A HD1  1 
ATOM 353  H HD2  . PHE A 1 22 ? -1.518  -1.992  9.102   1.00 1.88 ? 22 PHE A HD2  1 
ATOM 354  H HE1  . PHE A 1 22 ? 0.556   1.290   12.121  1.00 2.31 ? 22 PHE A HE1  1 
ATOM 355  H HE2  . PHE A 1 22 ? -2.441  -1.642  11.355  1.00 2.14 ? 22 PHE A HE2  1 
ATOM 356  H HZ   . PHE A 1 22 ? -1.404  0.000   12.868  1.00 1.61 ? 22 PHE A HZ   1 
ATOM 357  N N    . VAL A 1 23 ? 2.380   -1.366  5.562   1.00 0.19 ? 23 VAL A N    1 
ATOM 358  C CA   . VAL A 1 23 ? 2.684   -2.078  4.327   1.00 0.20 ? 23 VAL A CA   1 
ATOM 359  C C    . VAL A 1 23 ? 4.173   -2.390  4.231   1.00 0.20 ? 23 VAL A C    1 
ATOM 360  O O    . VAL A 1 23 ? 4.577   -3.325  3.541   1.00 0.22 ? 23 VAL A O    1 
ATOM 361  C CB   . VAL A 1 23 ? 2.252   -1.268  3.091   1.00 0.23 ? 23 VAL A CB   1 
ATOM 362  C CG1  . VAL A 1 23 ? 2.530   -2.047  1.812   1.00 0.27 ? 23 VAL A CG1  1 
ATOM 363  C CG2  . VAL A 1 23 ? 0.780   -0.897  3.185   1.00 0.26 ? 23 VAL A CG2  1 
ATOM 364  H H    . VAL A 1 23 ? 2.138   -0.418  5.520   1.00 0.20 ? 23 VAL A H    1 
ATOM 365  H HA   . VAL A 1 23 ? 2.133   -3.008  4.336   1.00 0.21 ? 23 VAL A HA   1 
ATOM 366  H HB   . VAL A 1 23 ? 2.830   -0.358  3.065   1.00 0.22 ? 23 VAL A HB   1 
ATOM 367  H HG11 . VAL A 1 23 ? 2.039   -1.561  0.982   1.00 0.99 ? 23 VAL A HG11 1 
ATOM 368  H HG12 . VAL A 1 23 ? 2.153   -3.053  1.915   1.00 1.00 ? 23 VAL A HG12 1 
ATOM 369  H HG13 . VAL A 1 23 ? 3.594   -2.077  1.634   1.00 0.98 ? 23 VAL A HG13 1 
ATOM 370  H HG21 . VAL A 1 23 ? 0.538   -0.187  2.409   1.00 1.10 ? 23 VAL A HG21 1 
ATOM 371  H HG22 . VAL A 1 23 ? 0.581   -0.456  4.151   1.00 0.99 ? 23 VAL A HG22 1 
ATOM 372  H HG23 . VAL A 1 23 ? 0.177   -1.784  3.062   1.00 1.00 ? 23 VAL A HG23 1 
ATOM 373  N N    . GLY A 1 24 ? 4.987   -1.604  4.934   1.00 0.19 ? 24 GLY A N    1 
ATOM 374  C CA   . GLY A 1 24 ? 6.422   -1.822  4.921   1.00 0.20 ? 24 GLY A CA   1 
ATOM 375  C C    . GLY A 1 24 ? 6.784   -3.275  5.158   1.00 0.20 ? 24 GLY A C    1 
ATOM 376  O O    . GLY A 1 24 ? 7.843   -3.738  4.732   1.00 0.22 ? 24 GLY A O    1 
ATOM 377  H H    . GLY A 1 24 ? 4.610   -0.877  5.471   1.00 0.18 ? 24 GLY A H    1 
ATOM 378  H HA2  . GLY A 1 24 ? 6.814   -1.516  3.962   1.00 0.21 ? 24 GLY A HA2  1 
ATOM 379  H HA3  . GLY A 1 24 ? 6.875   -1.218  5.693   1.00 0.21 ? 24 GLY A HA3  1 
ATOM 380  N N    . GLU A 1 25 ? 5.893   -3.999  5.830   1.00 0.20 ? 25 GLU A N    1 
ATOM 381  C CA   . GLU A 1 25 ? 6.110   -5.408  6.112   1.00 0.21 ? 25 GLU A CA   1 
ATOM 382  C C    . GLU A 1 25 ? 4.789   -6.098  6.429   1.00 0.16 ? 25 GLU A C    1 
ATOM 383  O O    . GLU A 1 25 ? 4.303   -6.053  7.559   1.00 0.19 ? 25 GLU A O    1 
ATOM 384  C CB   . GLU A 1 25 ? 7.082   -5.576  7.281   1.00 0.28 ? 25 GLU A CB   1 
ATOM 385  C CG   . GLU A 1 25 ? 8.001   -6.778  7.141   1.00 1.42 ? 25 GLU A CG   1 
ATOM 386  C CD   . GLU A 1 25 ? 8.914   -6.956  8.338   1.00 2.13 ? 25 GLU A CD   1 
ATOM 387  O OE1  . GLU A 1 25 ? 8.480   -6.648  9.467   1.00 2.57 ? 25 GLU A OE1  1 
ATOM 388  O OE2  . GLU A 1 25 ? 10.064  -7.405  8.146   1.00 2.90 ? 25 GLU A OE2  1 
ATOM 389  H H    . GLU A 1 25 ? 5.064   -3.579  6.134   1.00 0.19 ? 25 GLU A H    1 
ATOM 390  H HA   . GLU A 1 25 ? 6.538   -5.861  5.231   1.00 0.23 ? 25 GLU A HA   1 
ATOM 391  H HB2  . GLU A 1 25 ? 7.694   -4.688  7.356   1.00 1.06 ? 25 GLU A HB2  1 
ATOM 392  H HB3  . GLU A 1 25 ? 6.513   -5.689  8.193   1.00 0.99 ? 25 GLU A HB3  1 
ATOM 393  H HG2  . GLU A 1 25 ? 7.397   -7.666  7.033   1.00 2.08 ? 25 GLU A HG2  1 
ATOM 394  H HG3  . GLU A 1 25 ? 8.610   -6.648  6.258   1.00 1.99 ? 25 GLU A HG3  1 
ATOM 395  N N    . ILE A 1 26 ? 4.222   -6.744  5.420   1.00 0.15 ? 26 ILE A N    1 
ATOM 396  C CA   . ILE A 1 26 ? 2.963   -7.464  5.570   1.00 0.15 ? 26 ILE A CA   1 
ATOM 397  C C    . ILE A 1 26 ? 3.179   -8.953  5.336   1.00 0.14 ? 26 ILE A C    1 
ATOM 398  O O    . ILE A 1 26 ? 2.440   -9.600  4.595   1.00 0.18 ? 26 ILE A O    1 
ATOM 399  C CB   . ILE A 1 26 ? 1.889   -6.935  4.596   1.00 0.21 ? 26 ILE A CB   1 
ATOM 400  C CG1  . ILE A 1 26 ? 1.633   -5.455  4.859   1.00 0.26 ? 26 ILE A CG1  1 
ATOM 401  C CG2  . ILE A 1 26 ? 0.596   -7.723  4.743   1.00 0.25 ? 26 ILE A CG2  1 
ATOM 402  C CD1  . ILE A 1 26 ? 1.080   -5.196  6.241   1.00 0.29 ? 26 ILE A CD1  1 
ATOM 403  H H    . ILE A 1 26 ? 4.669   -6.740  4.549   1.00 0.18 ? 26 ILE A H    1 
ATOM 404  H HA   . ILE A 1 26 ? 2.612   -7.315  6.581   1.00 0.19 ? 26 ILE A HA   1 
ATOM 405  H HB   . ILE A 1 26 ? 2.248   -7.060  3.588   1.00 0.25 ? 26 ILE A HB   1 
ATOM 406  H HG12 . ILE A 1 26 ? 2.561   -4.911  4.763   1.00 0.34 ? 26 ILE A HG12 1 
ATOM 407  H HG13 . ILE A 1 26 ? 0.921   -5.083  4.139   1.00 0.28 ? 26 ILE A HG13 1 
ATOM 408  H HG21 . ILE A 1 26 ? 0.521   -8.108  5.749   1.00 1.01 ? 26 ILE A HG21 1 
ATOM 409  H HG22 . ILE A 1 26 ? 0.595   -8.544  4.042   1.00 1.09 ? 26 ILE A HG22 1 
ATOM 410  H HG23 . ILE A 1 26 ? -0.245  -7.076  4.542   1.00 1.04 ? 26 ILE A HG23 1 
ATOM 411  H HD11 . ILE A 1 26 ? 1.808   -5.502  6.981   1.00 1.01 ? 26 ILE A HD11 1 
ATOM 412  H HD12 . ILE A 1 26 ? 0.171   -5.766  6.373   1.00 1.08 ? 26 ILE A HD12 1 
ATOM 413  H HD13 . ILE A 1 26 ? 0.867   -4.145  6.353   1.00 1.07 ? 26 ILE A HD13 1 
ATOM 414  N N    . GLU A 1 27 ? 4.208   -9.488  5.974   1.00 0.14 ? 27 GLU A N    1 
ATOM 415  C CA   . GLU A 1 27 ? 4.540   -10.897 5.842   1.00 0.15 ? 27 GLU A CA   1 
ATOM 416  C C    . GLU A 1 27 ? 4.563   -11.322 4.374   1.00 0.14 ? 27 GLU A C    1 
ATOM 417  O O    . GLU A 1 27 ? 4.149   -12.428 4.035   1.00 0.15 ? 27 GLU A O    1 
ATOM 418  C CB   . GLU A 1 27 ? 3.540   -11.755 6.620   1.00 0.18 ? 27 GLU A CB   1 
ATOM 419  C CG   . GLU A 1 27 ? 4.173   -12.953 7.308   1.00 0.67 ? 27 GLU A CG   1 
ATOM 420  C CD   . GLU A 1 27 ? 3.166   -14.038 7.633   1.00 1.42 ? 27 GLU A CD   1 
ATOM 421  O OE1  . GLU A 1 27 ? 2.273   -13.789 8.470   1.00 2.22 ? 27 GLU A OE1  1 
ATOM 422  O OE2  . GLU A 1 27 ? 3.270   -15.139 7.051   1.00 2.08 ? 27 GLU A OE2  1 
ATOM 423  H H    . GLU A 1 27 ? 4.764   -8.919  6.545   1.00 0.17 ? 27 GLU A H    1 
ATOM 424  H HA   . GLU A 1 27 ? 5.522   -11.038 6.261   1.00 0.18 ? 27 GLU A HA   1 
ATOM 425  H HB2  . GLU A 1 27 ? 3.068   -11.142 7.373   1.00 0.49 ? 27 GLU A HB2  1 
ATOM 426  H HB3  . GLU A 1 27 ? 2.786   -12.116 5.937   1.00 0.55 ? 27 GLU A HB3  1 
ATOM 427  H HG2  . GLU A 1 27 ? 4.929   -13.368 6.658   1.00 1.39 ? 27 GLU A HG2  1 
ATOM 428  H HG3  . GLU A 1 27 ? 4.634   -12.622 8.227   1.00 1.24 ? 27 GLU A HG3  1 
ATOM 429  N N    . GLY A 1 28 ? 5.046   -10.435 3.510   1.00 0.15 ? 28 GLY A N    1 
ATOM 430  C CA   . GLY A 1 28 ? 5.109   -10.742 2.093   1.00 0.17 ? 28 GLY A CA   1 
ATOM 431  C C    . GLY A 1 28 ? 5.088   -9.500  1.221   1.00 0.18 ? 28 GLY A C    1 
ATOM 432  O O    . GLY A 1 28 ? 4.424   -9.475  0.187   1.00 0.27 ? 28 GLY A O    1 
ATOM 433  H H    . GLY A 1 28 ? 5.361   -9.570  3.835   1.00 0.17 ? 28 GLY A H    1 
ATOM 434  H HA2  . GLY A 1 28 ? 6.019   -11.289 1.895   1.00 0.20 ? 28 GLY A HA2  1 
ATOM 435  H HA3  . GLY A 1 28 ? 4.266   -11.364 1.834   1.00 0.18 ? 28 GLY A HA3  1 
ATOM 436  N N    . VAL A 1 29 ? 5.819   -8.468  1.633   1.00 0.16 ? 29 VAL A N    1 
ATOM 437  C CA   . VAL A 1 29 ? 5.883   -7.223  0.874   1.00 0.16 ? 29 VAL A CA   1 
ATOM 438  C C    . VAL A 1 29 ? 7.283   -7.001  0.313   1.00 0.17 ? 29 VAL A C    1 
ATOM 439  O O    . VAL A 1 29 ? 8.253   -6.876  1.060   1.00 0.26 ? 29 VAL A O    1 
ATOM 440  C CB   . VAL A 1 29 ? 5.483   -6.009  1.739   1.00 0.19 ? 29 VAL A CB   1 
ATOM 441  C CG1  . VAL A 1 29 ? 5.649   -4.709  0.963   1.00 1.22 ? 29 VAL A CG1  1 
ATOM 442  C CG2  . VAL A 1 29 ? 4.052   -6.160  2.230   1.00 1.18 ? 29 VAL A CG2  1 
ATOM 443  H H    . VAL A 1 29 ? 6.332   -8.547  2.463   1.00 0.20 ? 29 VAL A H    1 
ATOM 444  H HA   . VAL A 1 29 ? 5.187   -7.298  0.051   1.00 0.16 ? 29 VAL A HA   1 
ATOM 445  H HB   . VAL A 1 29 ? 6.134   -5.974  2.600   1.00 0.82 ? 29 VAL A HB   1 
ATOM 446  H HG11 . VAL A 1 29 ? 5.002   -3.953  1.385   1.00 1.80 ? 29 VAL A HG11 1 
ATOM 447  H HG12 . VAL A 1 29 ? 5.385   -4.872  -0.072  1.00 1.74 ? 29 VAL A HG12 1 
ATOM 448  H HG13 . VAL A 1 29 ? 6.675   -4.382  1.025   1.00 1.78 ? 29 VAL A HG13 1 
ATOM 449  H HG21 . VAL A 1 29 ? 3.372   -5.814  1.465   1.00 1.81 ? 29 VAL A HG21 1 
ATOM 450  H HG22 . VAL A 1 29 ? 3.916   -5.573  3.126   1.00 1.64 ? 29 VAL A HG22 1 
ATOM 451  H HG23 . VAL A 1 29 ? 3.853   -7.198  2.445   1.00 1.77 ? 29 VAL A HG23 1 
ATOM 452  N N    . SER A 1 30 ? 7.375   -6.954  -1.011  1.00 0.13 ? 30 SER A N    1 
ATOM 453  C CA   . SER A 1 30 ? 8.648   -6.748  -1.683  1.00 0.15 ? 30 SER A CA   1 
ATOM 454  C C    . SER A 1 30 ? 9.027   -5.267  -1.699  1.00 0.17 ? 30 SER A C    1 
ATOM 455  O O    . SER A 1 30 ? 10.160  -4.908  -1.381  1.00 0.22 ? 30 SER A O    1 
ATOM 456  C CB   . SER A 1 30 ? 8.586   -7.303  -3.110  1.00 0.17 ? 30 SER A CB   1 
ATOM 457  O OG   . SER A 1 30 ? 9.190   -6.418  -4.040  1.00 1.06 ? 30 SER A OG   1 
ATOM 458  H H    . SER A 1 30 ? 6.564   -7.062  -1.549  1.00 0.17 ? 30 SER A H    1 
ATOM 459  H HA   . SER A 1 30 ? 9.398   -7.293  -1.130  1.00 0.16 ? 30 SER A HA   1 
ATOM 460  H HB2  . SER A 1 30 ? 9.106   -8.249  -3.147  1.00 0.82 ? 30 SER A HB2  1 
ATOM 461  H HB3  . SER A 1 30 ? 7.554   -7.451  -3.388  1.00 0.91 ? 30 SER A HB3  1 
ATOM 462  H HG   . SER A 1 30 ? 10.011  -6.800  -4.359  1.00 1.43 ? 30 SER A HG   1 
ATOM 463  N N    . PHE A 1 31 ? 8.076   -4.406  -2.070  1.00 0.15 ? 31 PHE A N    1 
ATOM 464  C CA   . PHE A 1 31 ? 8.335   -2.973  -2.119  1.00 0.18 ? 31 PHE A CA   1 
ATOM 465  C C    . PHE A 1 31 ? 7.044   -2.192  -2.330  1.00 0.16 ? 31 PHE A C    1 
ATOM 466  O O    . PHE A 1 31 ? 6.325   -2.416  -3.304  1.00 0.20 ? 31 PHE A O    1 
ATOM 467  C CB   . PHE A 1 31 ? 9.329   -2.651  -3.237  1.00 0.22 ? 31 PHE A CB   1 
ATOM 468  C CG   . PHE A 1 31 ? 10.353  -1.620  -2.853  1.00 0.41 ? 31 PHE A CG   1 
ATOM 469  C CD1  . PHE A 1 31 ? 10.030  -0.273  -2.845  1.00 1.16 ? 31 PHE A CD1  1 
ATOM 470  C CD2  . PHE A 1 31 ? 11.638  -1.999  -2.501  1.00 1.11 ? 31 PHE A CD2  1 
ATOM 471  C CE1  . PHE A 1 31 ? 10.969  0.677   -2.491  1.00 1.31 ? 31 PHE A CE1  1 
ATOM 472  C CE2  . PHE A 1 31 ? 12.582  -1.054  -2.147  1.00 1.23 ? 31 PHE A CE2  1 
ATOM 473  C CZ   . PHE A 1 31 ? 12.247  0.286   -2.142  1.00 0.90 ? 31 PHE A CZ   1 
ATOM 474  H H    . PHE A 1 31 ? 7.184   -4.741  -2.315  1.00 0.15 ? 31 PHE A H    1 
ATOM 475  H HA   . PHE A 1 31 ? 8.767   -2.682  -1.173  1.00 0.20 ? 31 PHE A HA   1 
ATOM 476  H HB2  . PHE A 1 31 ? 9.854   -3.553  -3.513  1.00 0.25 ? 31 PHE A HB2  1 
ATOM 477  H HB3  . PHE A 1 31 ? 8.788   -2.280  -4.095  1.00 0.32 ? 31 PHE A HB3  1 
ATOM 478  H HD1  . PHE A 1 31 ? 9.031   0.035   -3.117  1.00 1.87 ? 31 PHE A HD1  1 
ATOM 479  H HD2  . PHE A 1 31 ? 11.901  -3.047  -2.504  1.00 1.82 ? 31 PHE A HD2  1 
ATOM 480  H HE1  . PHE A 1 31 ? 10.704  1.724   -2.488  1.00 2.05 ? 31 PHE A HE1  1 
ATOM 481  H HE2  . PHE A 1 31 ? 13.580  -1.362  -1.874  1.00 1.94 ? 31 PHE A HE2  1 
ATOM 482  H HZ   . PHE A 1 31 ? 12.983  1.027   -1.866  1.00 1.10 ? 31 PHE A HZ   1 
ATOM 483  N N    . ILE A 1 32 ? 6.756   -1.275  -1.414  1.00 0.17 ? 32 ILE A N    1 
ATOM 484  C CA   . ILE A 1 32 ? 5.551   -0.461  -1.506  1.00 0.17 ? 32 ILE A CA   1 
ATOM 485  C C    . ILE A 1 32 ? 5.825   0.846   -2.243  1.00 0.18 ? 32 ILE A C    1 
ATOM 486  O O    . ILE A 1 32 ? 6.423   1.773   -1.696  1.00 0.21 ? 32 ILE A O    1 
ATOM 487  C CB   . ILE A 1 32 ? 4.971   -0.145  -0.114  1.00 0.21 ? 32 ILE A CB   1 
ATOM 488  C CG1  . ILE A 1 32 ? 3.643   0.605   -0.252  1.00 0.24 ? 32 ILE A CG1  1 
ATOM 489  C CG2  . ILE A 1 32 ? 5.969   0.666   0.697   1.00 0.24 ? 32 ILE A CG2  1 
ATOM 490  C CD1  . ILE A 1 32 ? 3.054   1.051   1.067   1.00 0.31 ? 32 ILE A CD1  1 
ATOM 491  H H    . ILE A 1 32 ? 7.369   -1.140  -0.661  1.00 0.22 ? 32 ILE A H    1 
ATOM 492  H HA   . ILE A 1 32 ? 4.813   -1.024  -2.059  1.00 0.16 ? 32 ILE A HA   1 
ATOM 493  H HB   . ILE A 1 32 ? 4.799   -1.077  0.401   1.00 0.21 ? 32 ILE A HB   1 
ATOM 494  H HG12 . ILE A 1 32 ? 3.796   1.485   -0.858  1.00 0.26 ? 32 ILE A HG12 1 
ATOM 495  H HG13 . ILE A 1 32 ? 2.924   -0.038  -0.736  1.00 0.29 ? 32 ILE A HG13 1 
ATOM 496  H HG21 . ILE A 1 32 ? 6.084   0.223   1.676   1.00 1.02 ? 32 ILE A HG21 1 
ATOM 497  H HG22 . ILE A 1 32 ? 5.610   1.679   0.798   1.00 1.00 ? 32 ILE A HG22 1 
ATOM 498  H HG23 . ILE A 1 32 ? 6.922   0.671   0.188   1.00 1.04 ? 32 ILE A HG23 1 
ATOM 499  H HD11 . ILE A 1 32 ? 2.172   0.466   1.283   1.00 0.99 ? 32 ILE A HD11 1 
ATOM 500  H HD12 . ILE A 1 32 ? 2.787   2.096   1.009   1.00 1.02 ? 32 ILE A HD12 1 
ATOM 501  H HD13 . ILE A 1 32 ? 3.781   0.908   1.853   1.00 0.96 ? 32 ILE A HD13 1 
ATOM 502  N N    . ASP A 1 33 ? 5.377   0.909   -3.484  1.00 0.16 ? 33 ASP A N    1 
ATOM 503  C CA   . ASP A 1 33 ? 5.559   2.098   -4.308  1.00 0.17 ? 33 ASP A CA   1 
ATOM 504  C C    . ASP A 1 33 ? 4.309   2.972   -4.276  1.00 0.19 ? 33 ASP A C    1 
ATOM 505  O O    . ASP A 1 33 ? 3.188   2.468   -4.350  1.00 0.28 ? 33 ASP A O    1 
ATOM 506  C CB   . ASP A 1 33 ? 5.882   1.702   -5.751  1.00 0.19 ? 33 ASP A CB   1 
ATOM 507  C CG   . ASP A 1 33 ? 6.892   2.631   -6.393  1.00 0.92 ? 33 ASP A CG   1 
ATOM 508  O OD1  . ASP A 1 33 ? 7.855   3.029   -5.704  1.00 1.80 ? 33 ASP A OD1  1 
ATOM 509  O OD2  . ASP A 1 33 ? 6.720   2.961   -7.586  1.00 1.54 ? 33 ASP A OD2  1 
ATOM 510  H H    . ASP A 1 33 ? 4.906   0.134   -3.857  1.00 0.15 ? 33 ASP A H    1 
ATOM 511  H HA   . ASP A 1 33 ? 6.388   2.659   -3.904  1.00 0.18 ? 33 ASP A HA   1 
ATOM 512  H HB2  . ASP A 1 33 ? 6.285   0.699   -5.760  1.00 0.64 ? 33 ASP A HB2  1 
ATOM 513  H HB3  . ASP A 1 33 ? 4.974   1.725   -6.336  1.00 0.73 ? 33 ASP A HB3  1 
ATOM 514  N N    . VAL A 1 34 ? 4.506   4.280   -4.159  1.00 0.19 ? 34 VAL A N    1 
ATOM 515  C CA   . VAL A 1 34 ? 3.389   5.217   -4.112  1.00 0.23 ? 34 VAL A CA   1 
ATOM 516  C C    . VAL A 1 34 ? 3.633   6.420   -5.017  1.00 0.23 ? 34 VAL A C    1 
ATOM 517  O O    . VAL A 1 34 ? 4.771   6.848   -5.206  1.00 0.24 ? 34 VAL A O    1 
ATOM 518  C CB   . VAL A 1 34 ? 3.135   5.715   -2.676  1.00 0.29 ? 34 VAL A CB   1 
ATOM 519  C CG1  . VAL A 1 34 ? 1.849   6.525   -2.611  1.00 0.34 ? 34 VAL A CG1  1 
ATOM 520  C CG2  . VAL A 1 34 ? 3.090   4.544   -1.706  1.00 0.32 ? 34 VAL A CG2  1 
ATOM 521  H H    . VAL A 1 34 ? 5.422   4.624   -4.101  1.00 0.24 ? 34 VAL A H    1 
ATOM 522  H HA   . VAL A 1 34 ? 2.505   4.699   -4.451  1.00 0.24 ? 34 VAL A HA   1 
ATOM 523  H HB   . VAL A 1 34 ? 3.954   6.360   -2.390  1.00 0.31 ? 34 VAL A HB   1 
ATOM 524  H HG11 . VAL A 1 34 ? 1.335   6.310   -1.686  1.00 1.04 ? 34 VAL A HG11 1 
ATOM 525  H HG12 . VAL A 1 34 ? 1.215   6.262   -3.444  1.00 1.11 ? 34 VAL A HG12 1 
ATOM 526  H HG13 . VAL A 1 34 ? 2.084   7.578   -2.656  1.00 0.96 ? 34 VAL A HG13 1 
ATOM 527  H HG21 . VAL A 1 34 ? 2.860   3.637   -2.246  1.00 1.02 ? 34 VAL A HG21 1 
ATOM 528  H HG22 . VAL A 1 34 ? 2.328   4.722   -0.961  1.00 1.03 ? 34 VAL A HG22 1 
ATOM 529  H HG23 . VAL A 1 34 ? 4.049   4.441   -1.221  1.00 1.09 ? 34 VAL A HG23 1 
ATOM 530  N N    . SER A 1 35 ? 2.553   6.964   -5.570  1.00 0.26 ? 35 SER A N    1 
ATOM 531  C CA   . SER A 1 35 ? 2.642   8.120   -6.452  1.00 0.28 ? 35 SER A CA   1 
ATOM 532  C C    . SER A 1 35 ? 1.628   9.185   -6.047  1.00 0.32 ? 35 SER A C    1 
ATOM 533  O O    . SER A 1 35 ? 0.421   8.996   -6.199  1.00 0.43 ? 35 SER A O    1 
ATOM 534  C CB   . SER A 1 35 ? 2.409   7.701   -7.905  1.00 0.29 ? 35 SER A CB   1 
ATOM 535  O OG   . SER A 1 35 ? 3.368   6.745   -8.320  1.00 1.26 ? 35 SER A OG   1 
ATOM 536  H H    . SER A 1 35 ? 1.673   6.577   -5.377  1.00 0.29 ? 35 SER A H    1 
ATOM 537  H HA   . SER A 1 35 ? 3.635   8.532   -6.360  1.00 0.28 ? 35 SER A HA   1 
ATOM 538  H HB2  . SER A 1 35 ? 1.423   7.268   -7.998  1.00 0.98 ? 35 SER A HB2  1 
ATOM 539  H HB3  . SER A 1 35 ? 2.483   8.568   -8.543  1.00 0.94 ? 35 SER A HB3  1 
ATOM 540  H HG   . SER A 1 35 ? 2.923   6.008   -8.746  1.00 1.65 ? 35 SER A HG   1 
ATOM 541  N N    . VAL A 1 36 ? 2.124   10.302  -5.524  1.00 0.31 ? 36 VAL A N    1 
ATOM 542  C CA   . VAL A 1 36 ? 1.258   11.394  -5.093  1.00 0.36 ? 36 VAL A CA   1 
ATOM 543  C C    . VAL A 1 36 ? 0.760   12.205  -6.283  1.00 0.34 ? 36 VAL A C    1 
ATOM 544  O O    . VAL A 1 36 ? -0.444  12.401  -6.453  1.00 0.34 ? 36 VAL A O    1 
ATOM 545  C CB   . VAL A 1 36 ? 1.985   12.336  -4.116  1.00 0.41 ? 36 VAL A CB   1 
ATOM 546  C CG1  . VAL A 1 36 ? 1.005   13.317  -3.487  1.00 0.48 ? 36 VAL A CG1  1 
ATOM 547  C CG2  . VAL A 1 36 ? 2.713   11.539  -3.043  1.00 0.46 ? 36 VAL A CG2  1 
ATOM 548  H H    . VAL A 1 36 ? 3.095   10.393  -5.424  1.00 0.32 ? 36 VAL A H    1 
ATOM 549  H HA   . VAL A 1 36 ? 0.409   10.965  -4.582  1.00 0.41 ? 36 VAL A HA   1 
ATOM 550  H HB   . VAL A 1 36 ? 2.717   12.902  -4.673  1.00 0.39 ? 36 VAL A HB   1 
ATOM 551  H HG11 . VAL A 1 36 ? 1.037   14.252  -4.027  1.00 1.12 ? 36 VAL A HG11 1 
ATOM 552  H HG12 . VAL A 1 36 ? 1.276   13.487  -2.455  1.00 1.07 ? 36 VAL A HG12 1 
ATOM 553  H HG13 . VAL A 1 36 ? 0.007   12.907  -3.534  1.00 1.07 ? 36 VAL A HG13 1 
ATOM 554  H HG21 . VAL A 1 36 ? 2.654   12.063  -2.102  1.00 0.98 ? 36 VAL A HG21 1 
ATOM 555  H HG22 . VAL A 1 36 ? 3.749   11.420  -3.325  1.00 1.03 ? 36 VAL A HG22 1 
ATOM 556  H HG23 . VAL A 1 36 ? 2.254   10.567  -2.944  1.00 1.13 ? 36 VAL A HG23 1 
ATOM 557  N N    . GLU A 1 37 ? 1.691   12.676  -7.106  1.00 0.41 ? 37 GLU A N    1 
ATOM 558  C CA   . GLU A 1 37 ? 1.344   13.467  -8.281  1.00 0.42 ? 37 GLU A CA   1 
ATOM 559  C C    . GLU A 1 37 ? 0.447   12.672  -9.225  1.00 0.33 ? 37 GLU A C    1 
ATOM 560  O O    . GLU A 1 37 ? -0.376  13.241  -9.941  1.00 0.34 ? 37 GLU A O    1 
ATOM 561  C CB   . GLU A 1 37 ? 2.612   13.915  -9.013  1.00 0.55 ? 37 GLU A CB   1 
ATOM 562  C CG   . GLU A 1 37 ? 2.979   15.368  -8.759  1.00 1.44 ? 37 GLU A CG   1 
ATOM 563  C CD   . GLU A 1 37 ? 4.425   15.671  -9.098  1.00 1.89 ? 37 GLU A CD   1 
ATOM 564  O OE1  . GLU A 1 37 ? 5.312   14.917  -8.644  1.00 2.58 ? 37 GLU A OE1  1 
ATOM 565  O OE2  . GLU A 1 37 ? 4.672   16.664  -9.813  1.00 2.38 ? 37 GLU A OE2  1 
ATOM 566  H H    . GLU A 1 37 ? 2.634   12.488  -6.918  1.00 0.47 ? 37 GLU A H    1 
ATOM 567  H HA   . GLU A 1 37 ? 0.806   14.341  -7.944  1.00 0.46 ? 37 GLU A HA   1 
ATOM 568  H HB2  . GLU A 1 37 ? 3.436   13.297  -8.692  1.00 0.97 ? 37 GLU A HB2  1 
ATOM 569  H HB3  . GLU A 1 37 ? 2.467   13.783  -10.075 1.00 0.93 ? 37 GLU A HB3  1 
ATOM 570  H HG2  . GLU A 1 37 ? 2.344   15.998  -9.364  1.00 2.03 ? 37 GLU A HG2  1 
ATOM 571  H HG3  . GLU A 1 37 ? 2.814   15.590  -7.715  1.00 2.14 ? 37 GLU A HG3  1 
ATOM 572  N N    . LYS A 1 38 ? 0.612   11.354  -9.219  1.00 0.32 ? 38 LYS A N    1 
ATOM 573  C CA   . LYS A 1 38 ? -0.183  10.480  -10.074 1.00 0.35 ? 38 LYS A CA   1 
ATOM 574  C C    . LYS A 1 38 ? -1.330  9.840   -9.294  1.00 0.32 ? 38 LYS A C    1 
ATOM 575  O O    . LYS A 1 38 ? -2.284  9.332   -9.884  1.00 0.40 ? 38 LYS A O    1 
ATOM 576  C CB   . LYS A 1 38 ? 0.698   9.391   -10.687 1.00 0.49 ? 38 LYS A CB   1 
ATOM 577  C CG   . LYS A 1 38 ? 1.917   9.933   -11.418 1.00 0.60 ? 38 LYS A CG   1 
ATOM 578  C CD   . LYS A 1 38 ? 1.546   10.488  -12.785 1.00 1.09 ? 38 LYS A CD   1 
ATOM 579  C CE   . LYS A 1 38 ? 2.396   9.876   -13.887 1.00 1.84 ? 38 LYS A CE   1 
ATOM 580  N NZ   . LYS A 1 38 ? 1.689   8.767   -14.584 1.00 2.76 ? 38 LYS A NZ   1 
ATOM 581  H H    . LYS A 1 38 ? 1.284   10.958  -8.626  1.00 0.36 ? 38 LYS A H    1 
ATOM 582  H HA   . LYS A 1 38 ? -0.597  11.082  -10.868 1.00 0.38 ? 38 LYS A HA   1 
ATOM 583  H HB2  . LYS A 1 38 ? 1.041   8.735   -9.900  1.00 0.59 ? 38 LYS A HB2  1 
ATOM 584  H HB3  . LYS A 1 38 ? 0.109   8.819   -11.389 1.00 0.62 ? 38 LYS A HB3  1 
ATOM 585  H HG2  . LYS A 1 38 ? 2.356   10.724  -10.828 1.00 1.21 ? 38 LYS A HG2  1 
ATOM 586  H HG3  . LYS A 1 38 ? 2.633   9.135   -11.544 1.00 0.95 ? 38 LYS A HG3  1 
ATOM 587  H HD2  . LYS A 1 38 ? 0.507   10.270  -12.984 1.00 1.66 ? 38 LYS A HD2  1 
ATOM 588  H HD3  . LYS A 1 38 ? 1.695   11.558  -12.781 1.00 1.69 ? 38 LYS A HD3  1 
ATOM 589  H HE2  . LYS A 1 38 ? 2.640   10.644  -14.606 1.00 2.12 ? 38 LYS A HE2  1 
ATOM 590  H HE3  . LYS A 1 38 ? 3.307   9.493   -13.450 1.00 2.28 ? 38 LYS A HE3  1 
ATOM 591  H HZ1  . LYS A 1 38 ? 0.856   9.134   -15.087 1.00 3.01 ? 38 LYS A HZ1  1 
ATOM 592  H HZ2  . LYS A 1 38 ? 1.376   8.054   -13.894 1.00 3.12 ? 38 LYS A HZ2  1 
ATOM 593  H HZ3  . LYS A 1 38 ? 2.324   8.313   -15.271 1.00 3.35 ? 38 LYS A HZ3  1 
ATOM 594  N N    . LYS A 1 39 ? -1.234  9.866   -7.966  1.00 0.28 ? 39 LYS A N    1 
ATOM 595  C CA   . LYS A 1 39 ? -2.267  9.284   -7.117  1.00 0.31 ? 39 LYS A CA   1 
ATOM 596  C C    . LYS A 1 39 ? -2.402  7.787   -7.376  1.00 0.31 ? 39 LYS A C    1 
ATOM 597  O O    . LYS A 1 39 ? -3.508  7.267   -7.523  1.00 0.39 ? 39 LYS A O    1 
ATOM 598  C CB   . LYS A 1 39 ? -3.608  9.982   -7.357  1.00 0.38 ? 39 LYS A CB   1 
ATOM 599  C CG   . LYS A 1 39 ? -3.502  11.497  -7.422  1.00 0.46 ? 39 LYS A CG   1 
ATOM 600  C CD   . LYS A 1 39 ? -4.778  12.121  -7.966  1.00 1.31 ? 39 LYS A CD   1 
ATOM 601  C CE   . LYS A 1 39 ? -5.670  12.630  -6.845  1.00 1.42 ? 39 LYS A CE   1 
ATOM 602  N NZ   . LYS A 1 39 ? -6.883  13.317  -7.369  1.00 2.45 ? 39 LYS A NZ   1 
ATOM 603  H H    . LYS A 1 39 ? -0.451  10.283  -7.549  1.00 0.29 ? 39 LYS A H    1 
ATOM 604  H HA   . LYS A 1 39 ? -1.972  9.434   -6.089  1.00 0.31 ? 39 LYS A HA   1 
ATOM 605  H HB2  . LYS A 1 39 ? -4.020  9.630   -8.291  1.00 0.52 ? 39 LYS A HB2  1 
ATOM 606  H HB3  . LYS A 1 39 ? -4.283  9.724   -6.555  1.00 0.49 ? 39 LYS A HB3  1 
ATOM 607  H HG2  . LYS A 1 39 ? -3.322  11.879  -6.429  1.00 0.91 ? 39 LYS A HG2  1 
ATOM 608  H HG3  . LYS A 1 39 ? -2.678  11.764  -8.068  1.00 0.90 ? 39 LYS A HG3  1 
ATOM 609  H HD2  . LYS A 1 39 ? -4.516  12.948  -8.609  1.00 1.92 ? 39 LYS A HD2  1 
ATOM 610  H HD3  . LYS A 1 39 ? -5.317  11.376  -8.533  1.00 1.98 ? 39 LYS A HD3  1 
ATOM 611  H HE2  . LYS A 1 39 ? -5.976  11.792  -6.237  1.00 1.60 ? 39 LYS A HE2  1 
ATOM 612  H HE3  . LYS A 1 39 ? -5.106  13.325  -6.241  1.00 1.55 ? 39 LYS A HE3  1 
ATOM 613  H HZ1  . LYS A 1 39 ? -7.699  13.119  -6.757  1.00 2.81 ? 39 LYS A HZ1  1 
ATOM 614  H HZ2  . LYS A 1 39 ? -7.096  12.983  -8.330  1.00 2.89 ? 39 LYS A HZ2  1 
ATOM 615  H HZ3  . LYS A 1 39 ? -6.726  14.345  -7.399  1.00 2.98 ? 39 LYS A HZ3  1 
ATOM 616  N N    . SER A 1 40 ? -1.266  7.099   -7.430  1.00 0.25 ? 40 SER A N    1 
ATOM 617  C CA   . SER A 1 40 ? -1.251  5.661   -7.671  1.00 0.27 ? 40 SER A CA   1 
ATOM 618  C C    . SER A 1 40 ? -0.382  4.952   -6.641  1.00 0.26 ? 40 SER A C    1 
ATOM 619  O O    . SER A 1 40 ? 0.381   5.592   -5.916  1.00 0.30 ? 40 SER A O    1 
ATOM 620  C CB   . SER A 1 40 ? -0.732  5.367   -9.080  1.00 0.28 ? 40 SER A CB   1 
ATOM 621  O OG   . SER A 1 40 ? -1.680  5.743   -10.063 1.00 1.01 ? 40 SER A OG   1 
ATOM 622  H H    . SER A 1 40 ? -0.416  7.571   -7.305  1.00 0.22 ? 40 SER A H    1 
ATOM 623  H HA   . SER A 1 40 ? -2.264  5.298   -7.586  1.00 0.30 ? 40 SER A HA   1 
ATOM 624  H HB2  . SER A 1 40 ? 0.180   5.921   -9.246  1.00 0.79 ? 40 SER A HB2  1 
ATOM 625  H HB3  . SER A 1 40 ? -0.533  4.310   -9.174  1.00 0.79 ? 40 SER A HB3  1 
ATOM 626  H HG   . SER A 1 40 ? -1.784  5.030   -10.697 1.00 1.35 ? 40 SER A HG   1 
ATOM 627  N N    . VAL A 1 41 ? -0.495  3.630   -6.577  1.00 0.23 ? 41 VAL A N    1 
ATOM 628  C CA   . VAL A 1 41 ? 0.289   2.849   -5.634  1.00 0.23 ? 41 VAL A CA   1 
ATOM 629  C C    . VAL A 1 41 ? 0.609   1.474   -6.202  1.00 0.22 ? 41 VAL A C    1 
ATOM 630  O O    . VAL A 1 41 ? -0.291  0.709   -6.539  1.00 0.30 ? 41 VAL A O    1 
ATOM 631  C CB   . VAL A 1 41 ? -0.451  2.677   -4.294  1.00 0.29 ? 41 VAL A CB   1 
ATOM 632  C CG1  . VAL A 1 41 ? 0.455   2.024   -3.262  1.00 0.65 ? 41 VAL A CG1  1 
ATOM 633  C CG2  . VAL A 1 41 ? -0.965  4.018   -3.793  1.00 0.64 ? 41 VAL A CG2  1 
ATOM 634  H H    . VAL A 1 41 ? -1.117  3.166   -7.179  1.00 0.23 ? 41 VAL A H    1 
ATOM 635  H HA   . VAL A 1 41 ? 1.213   3.376   -5.447  1.00 0.22 ? 41 VAL A HA   1 
ATOM 636  H HB   . VAL A 1 41 ? -1.300  2.028   -4.456  1.00 0.50 ? 41 VAL A HB   1 
ATOM 637  H HG11 . VAL A 1 41 ? 1.253   1.497   -3.763  1.00 1.34 ? 41 VAL A HG11 1 
ATOM 638  H HG12 . VAL A 1 41 ? -0.119  1.327   -2.668  1.00 1.25 ? 41 VAL A HG12 1 
ATOM 639  H HG13 . VAL A 1 41 ? 0.873   2.784   -2.618  1.00 1.16 ? 41 VAL A HG13 1 
ATOM 640  H HG21 . VAL A 1 41 ? -1.231  3.934   -2.749  1.00 1.15 ? 41 VAL A HG21 1 
ATOM 641  H HG22 . VAL A 1 41 ? -1.834  4.306   -4.364  1.00 1.29 ? 41 VAL A HG22 1 
ATOM 642  H HG23 . VAL A 1 41 ? -0.193  4.765   -3.909  1.00 1.32 ? 41 VAL A HG23 1 
ATOM 643  N N    . VAL A 1 42 ? 1.895   1.159   -6.295  1.00 0.17 ? 42 VAL A N    1 
ATOM 644  C CA   . VAL A 1 42 ? 2.320   -0.132  -6.809  1.00 0.17 ? 42 VAL A CA   1 
ATOM 645  C C    . VAL A 1 42 ? 3.112   -0.863  -5.746  1.00 0.15 ? 42 VAL A C    1 
ATOM 646  O O    . VAL A 1 42 ? 4.160   -0.392  -5.313  1.00 0.15 ? 42 VAL A O    1 
ATOM 647  C CB   . VAL A 1 42 ? 3.186   0.017   -8.072  1.00 0.18 ? 42 VAL A CB   1 
ATOM 648  C CG1  . VAL A 1 42 ? 3.430   -1.338  -8.718  1.00 0.21 ? 42 VAL A CG1  1 
ATOM 649  C CG2  . VAL A 1 42 ? 2.536   0.976   -9.058  1.00 0.20 ? 42 VAL A CG2  1 
ATOM 650  H H    . VAL A 1 42 ? 2.575   1.802   -5.997  1.00 0.20 ? 42 VAL A H    1 
ATOM 651  H HA   . VAL A 1 42 ? 1.439   -0.707  -7.058  1.00 0.19 ? 42 VAL A HA   1 
ATOM 652  H HB   . VAL A 1 42 ? 4.143   0.429   -7.781  1.00 0.19 ? 42 VAL A HB   1 
ATOM 653  H HG11 . VAL A 1 42 ? 2.486   -1.839  -8.872  1.00 1.12 ? 42 VAL A HG11 1 
ATOM 654  H HG12 . VAL A 1 42 ? 4.054   -1.938  -8.072  1.00 0.94 ? 42 VAL A HG12 1 
ATOM 655  H HG13 . VAL A 1 42 ? 3.923   -1.201  -9.669  1.00 1.03 ? 42 VAL A HG13 1 
ATOM 656  H HG21 . VAL A 1 42 ? 1.467   0.984   -8.900  1.00 0.89 ? 42 VAL A HG21 1 
ATOM 657  H HG22 . VAL A 1 42 ? 2.748   0.655   -10.067 1.00 0.87 ? 42 VAL A HG22 1 
ATOM 658  H HG23 . VAL A 1 42 ? 2.930   1.970   -8.906  1.00 0.86 ? 42 VAL A HG23 1 
ATOM 659  N N    . VAL A 1 43 ? 2.609   -2.008  -5.316  1.00 0.17 ? 43 VAL A N    1 
ATOM 660  C CA   . VAL A 1 43 ? 3.282   -2.775  -4.286  1.00 0.16 ? 43 VAL A CA   1 
ATOM 661  C C    . VAL A 1 43 ? 3.558   -4.197  -4.736  1.00 0.14 ? 43 VAL A C    1 
ATOM 662  O O    . VAL A 1 43 ? 2.709   -4.850  -5.342  1.00 0.14 ? 43 VAL A O    1 
ATOM 663  C CB   . VAL A 1 43 ? 2.443   -2.822  -2.995  1.00 0.17 ? 43 VAL A CB   1 
ATOM 664  C CG1  . VAL A 1 43 ? 3.211   -3.516  -1.878  1.00 0.19 ? 43 VAL A CG1  1 
ATOM 665  C CG2  . VAL A 1 43 ? 2.027   -1.421  -2.578  1.00 0.18 ? 43 VAL A CG2  1 
ATOM 666  H H    . VAL A 1 43 ? 1.764   -2.336  -5.689  1.00 0.19 ? 43 VAL A H    1 
ATOM 667  H HA   . VAL A 1 43 ? 4.219   -2.289  -4.061  1.00 0.17 ? 43 VAL A HA   1 
ATOM 668  H HB   . VAL A 1 43 ? 1.548   -3.395  -3.192  1.00 0.17 ? 43 VAL A HB   1 
ATOM 669  H HG11 . VAL A 1 43 ? 4.270   -3.377  -2.030  1.00 0.98 ? 43 VAL A HG11 1 
ATOM 670  H HG12 . VAL A 1 43 ? 2.981   -4.572  -1.886  1.00 1.02 ? 43 VAL A HG12 1 
ATOM 671  H HG13 . VAL A 1 43 ? 2.924   -3.092  -0.927  1.00 1.02 ? 43 VAL A HG13 1 
ATOM 672  H HG21 . VAL A 1 43 ? 1.231   -1.075  -3.221  1.00 1.12 ? 43 VAL A HG21 1 
ATOM 673  H HG22 . VAL A 1 43 ? 2.874   -0.754  -2.661  1.00 0.93 ? 43 VAL A HG22 1 
ATOM 674  H HG23 . VAL A 1 43 ? 1.681   -1.437  -1.555  1.00 1.04 ? 43 VAL A HG23 1 
ATOM 675  N N    . GLU A 1 44 ? 4.742   -4.681  -4.399  1.00 0.15 ? 44 GLU A N    1 
ATOM 676  C CA   . GLU A 1 44 ? 5.126   -6.039  -4.729  1.00 0.14 ? 44 GLU A CA   1 
ATOM 677  C C    . GLU A 1 44 ? 4.966   -6.903  -3.500  1.00 0.13 ? 44 GLU A C    1 
ATOM 678  O O    . GLU A 1 44 ? 5.378   -6.514  -2.409  1.00 0.13 ? 44 GLU A O    1 
ATOM 679  C CB   . GLU A 1 44 ? 6.575   -6.106  -5.205  1.00 0.17 ? 44 GLU A CB   1 
ATOM 680  C CG   . GLU A 1 44 ? 6.789   -5.541  -6.600  1.00 0.23 ? 44 GLU A CG   1 
ATOM 681  C CD   . GLU A 1 44 ? 7.792   -6.342  -7.406  1.00 0.86 ? 44 GLU A CD   1 
ATOM 682  O OE1  . GLU A 1 44 ? 7.767   -7.588  -7.315  1.00 1.64 ? 44 GLU A OE1  1 
ATOM 683  O OE2  . GLU A 1 44 ? 8.603   -5.725  -8.128  1.00 1.44 ? 44 GLU A OE2  1 
ATOM 684  H H    . GLU A 1 44 ? 5.364   -4.119  -3.892  1.00 0.16 ? 44 GLU A H    1 
ATOM 685  H HA   . GLU A 1 44 ? 4.472   -6.399  -5.508  1.00 0.15 ? 44 GLU A HA   1 
ATOM 686  H HB2  . GLU A 1 44 ? 7.193   -5.552  -4.515  1.00 0.18 ? 44 GLU A HB2  1 
ATOM 687  H HB3  . GLU A 1 44 ? 6.889   -7.141  -5.204  1.00 0.18 ? 44 GLU A HB3  1 
ATOM 688  H HG2  . GLU A 1 44 ? 5.845   -5.543  -7.124  1.00 0.62 ? 44 GLU A HG2  1 
ATOM 689  H HG3  . GLU A 1 44 ? 7.149   -4.526  -6.511  1.00 0.50 ? 44 GLU A HG3  1 
ATOM 690  N N    . PHE A 1 45 ? 4.371   -8.069  -3.668  1.00 0.12 ? 45 PHE A N    1 
ATOM 691  C CA   . PHE A 1 45 ? 4.176   -8.965  -2.548  1.00 0.12 ? 45 PHE A CA   1 
ATOM 692  C C    . PHE A 1 45 ? 4.615   -10.377 -2.906  1.00 0.12 ? 45 PHE A C    1 
ATOM 693  O O    . PHE A 1 45 ? 4.327   -10.881 -3.991  1.00 0.14 ? 45 PHE A O    1 
ATOM 694  C CB   . PHE A 1 45 ? 2.719   -8.938  -2.079  1.00 0.13 ? 45 PHE A CB   1 
ATOM 695  C CG   . PHE A 1 45 ? 1.753   -9.553  -3.045  1.00 0.12 ? 45 PHE A CG   1 
ATOM 696  C CD1  . PHE A 1 45 ? 1.732   -10.921 -3.236  1.00 1.19 ? 45 PHE A CD1  1 
ATOM 697  C CD2  . PHE A 1 45 ? 0.861   -8.765  -3.752  1.00 1.18 ? 45 PHE A CD2  1 
ATOM 698  C CE1  . PHE A 1 45 ? 0.841   -11.498 -4.119  1.00 1.20 ? 45 PHE A CE1  1 
ATOM 699  C CE2  . PHE A 1 45 ? -0.035  -9.334  -4.636  1.00 1.19 ? 45 PHE A CE2  1 
ATOM 700  C CZ   . PHE A 1 45 ? -0.046  -10.703 -4.820  1.00 0.14 ? 45 PHE A CZ   1 
ATOM 701  H H    . PHE A 1 45 ? 4.060   -8.331  -4.560  1.00 0.14 ? 45 PHE A H    1 
ATOM 702  H HA   . PHE A 1 45 ? 4.803   -8.612  -1.743  1.00 0.12 ? 45 PHE A HA   1 
ATOM 703  H HB2  . PHE A 1 45 ? 2.640   -9.476  -1.148  1.00 0.14 ? 45 PHE A HB2  1 
ATOM 704  H HB3  . PHE A 1 45 ? 2.421   -7.911  -1.921  1.00 0.15 ? 45 PHE A HB3  1 
ATOM 705  H HD1  . PHE A 1 45 ? 2.429   -11.538 -2.687  1.00 2.12 ? 45 PHE A HD1  1 
ATOM 706  H HD2  . PHE A 1 45 ? 0.871   -7.695  -3.610  1.00 2.11 ? 45 PHE A HD2  1 
ATOM 707  H HE1  . PHE A 1 45 ? 0.835   -12.569 -4.259  1.00 2.13 ? 45 PHE A HE1  1 
ATOM 708  H HE2  . PHE A 1 45 ? -0.725  -8.708  -5.181  1.00 2.12 ? 45 PHE A HE2  1 
ATOM 709  H HZ   . PHE A 1 45 ? -0.745  -11.151 -5.510  1.00 0.16 ? 45 PHE A HZ   1 
ATOM 710  N N    . ASP A 1 46 ? 5.332   -10.994 -1.984  1.00 0.12 ? 46 ASP A N    1 
ATOM 711  C CA   . ASP A 1 46 ? 5.846   -12.344 -2.179  1.00 0.14 ? 46 ASP A CA   1 
ATOM 712  C C    . ASP A 1 46 ? 4.755   -13.389 -1.957  1.00 0.13 ? 46 ASP A C    1 
ATOM 713  O O    . ASP A 1 46 ? 3.575   -13.062 -1.857  1.00 0.11 ? 46 ASP A O    1 
ATOM 714  C CB   . ASP A 1 46 ? 7.022   -12.596 -1.231  1.00 0.17 ? 46 ASP A CB   1 
ATOM 715  C CG   . ASP A 1 46 ? 8.360   -12.313 -1.884  1.00 0.57 ? 46 ASP A CG   1 
ATOM 716  O OD1  . ASP A 1 46 ? 8.520   -11.214 -2.456  1.00 1.26 ? 46 ASP A OD1  1 
ATOM 717  O OD2  . ASP A 1 46 ? 9.248   -13.188 -1.822  1.00 1.35 ? 46 ASP A OD2  1 
ATOM 718  H H    . ASP A 1 46 ? 5.537   -10.519 -1.157  1.00 0.13 ? 46 ASP A H    1 
ATOM 719  H HA   . ASP A 1 46 ? 6.197   -12.419 -3.197  1.00 0.16 ? 46 ASP A HA   1 
ATOM 720  H HB2  . ASP A 1 46 ? 6.923   -11.957 -0.366  1.00 0.46 ? 46 ASP A HB2  1 
ATOM 721  H HB3  . ASP A 1 46 ? 7.009   -13.627 -0.913  1.00 0.30 ? 46 ASP A HB3  1 
ATOM 722  N N    . ALA A 1 47 ? 5.160   -14.653 -1.906  1.00 0.14 ? 47 ALA A N    1 
ATOM 723  C CA   . ALA A 1 47 ? 4.224   -15.757 -1.728  1.00 0.14 ? 47 ALA A CA   1 
ATOM 724  C C    . ALA A 1 47 ? 3.499   -15.747 -0.378  1.00 0.12 ? 47 ALA A C    1 
ATOM 725  O O    . ALA A 1 47 ? 2.395   -16.284 -0.278  1.00 0.12 ? 47 ALA A O    1 
ATOM 726  C CB   . ALA A 1 47 ? 4.941   -17.083 -1.924  1.00 0.17 ? 47 ALA A CB   1 
ATOM 727  H H    . ALA A 1 47 ? 6.113   -14.852 -2.010  1.00 0.16 ? 47 ALA A H    1 
ATOM 728  H HA   . ALA A 1 47 ? 3.479   -15.672 -2.503  1.00 0.15 ? 47 ALA A HA   1 
ATOM 729  H HB1  . ALA A 1 47 ? 4.274   -17.785 -2.404  1.00 0.94 ? 47 ALA A HB1  1 
ATOM 730  H HB2  . ALA A 1 47 ? 5.245   -17.474 -0.965  1.00 0.94 ? 47 ALA A HB2  1 
ATOM 731  H HB3  . ALA A 1 47 ? 5.812   -16.932 -2.545  1.00 0.99 ? 47 ALA A HB3  1 
ATOM 732  N N    . PRO A 1 48 ? 4.078   -15.163 0.689   1.00 0.12 ? 48 PRO A N    1 
ATOM 733  C CA   . PRO A 1 48 ? 3.429   -15.144 1.988   1.00 0.12 ? 48 PRO A CA   1 
ATOM 734  C C    . PRO A 1 48 ? 2.512   -13.938 2.173   1.00 0.11 ? 48 PRO A C    1 
ATOM 735  O O    . PRO A 1 48 ? 2.115   -13.620 3.294   1.00 0.13 ? 48 PRO A O    1 
ATOM 736  C CB   . PRO A 1 48 ? 4.608   -15.103 2.959   1.00 0.14 ? 48 PRO A CB   1 
ATOM 737  C CG   . PRO A 1 48 ? 5.736   -14.465 2.207   1.00 0.16 ? 48 PRO A CG   1 
ATOM 738  C CD   . PRO A 1 48 ? 5.387   -14.492 0.735   1.00 0.13 ? 48 PRO A CD   1 
ATOM 739  H HA   . PRO A 1 48 ? 2.861   -16.047 2.153   1.00 0.13 ? 48 PRO A HA   1 
ATOM 740  H HB2  . PRO A 1 48 ? 4.338   -14.527 3.830   1.00 0.15 ? 48 PRO A HB2  1 
ATOM 741  H HB3  . PRO A 1 48 ? 4.860   -16.110 3.257   1.00 0.15 ? 48 PRO A HB3  1 
ATOM 742  H HG2  . PRO A 1 48 ? 5.858   -13.444 2.537   1.00 0.19 ? 48 PRO A HG2  1 
ATOM 743  H HG3  . PRO A 1 48 ? 6.646   -15.020 2.382   1.00 0.19 ? 48 PRO A HG3  1 
ATOM 744  H HD2  . PRO A 1 48 ? 5.313   -13.484 0.358   1.00 0.13 ? 48 PRO A HD2  1 
ATOM 745  H HD3  . PRO A 1 48 ? 6.128   -15.051 0.183   1.00 0.15 ? 48 PRO A HD3  1 
ATOM 746  N N    . ALA A 1 49 ? 2.160   -13.275 1.070   1.00 0.11 ? 49 ALA A N    1 
ATOM 747  C CA   . ALA A 1 49 ? 1.275   -12.120 1.132   1.00 0.11 ? 49 ALA A CA   1 
ATOM 748  C C    . ALA A 1 49 ? 0.118   -12.263 0.158   1.00 0.14 ? 49 ALA A C    1 
ATOM 749  O O    . ALA A 1 49 ? -0.084  -13.316 -0.446  1.00 0.15 ? 49 ALA A O    1 
ATOM 750  C CB   . ALA A 1 49 ? 2.037   -10.838 0.835   1.00 0.12 ? 49 ALA A CB   1 
ATOM 751  H H    . ALA A 1 49 ? 2.494   -13.572 0.196   1.00 0.11 ? 49 ALA A H    1 
ATOM 752  H HA   . ALA A 1 49 ? 0.883   -12.053 2.136   1.00 0.12 ? 49 ALA A HA   1 
ATOM 753  H HB1  . ALA A 1 49 ? 2.887   -11.063 0.209   1.00 1.01 ? 49 ALA A HB1  1 
ATOM 754  H HB2  . ALA A 1 49 ? 2.374   -10.398 1.761   1.00 1.04 ? 49 ALA A HB2  1 
ATOM 755  H HB3  . ALA A 1 49 ? 1.384   -10.144 0.321   1.00 1.02 ? 49 ALA A HB3  1 
ATOM 756  N N    . THR A 1 50 ? -0.632  -11.182 0.009   1.00 0.17 ? 50 THR A N    1 
ATOM 757  C CA   . THR A 1 50 ? -1.768  -11.145 -0.887  1.00 0.20 ? 50 THR A CA   1 
ATOM 758  C C    . THR A 1 50 ? -2.362  -9.747  -0.899  1.00 0.22 ? 50 THR A C    1 
ATOM 759  O O    . THR A 1 50 ? -2.291  -9.025  0.096   1.00 0.19 ? 50 THR A O    1 
ATOM 760  C CB   . THR A 1 50 ? -2.825  -12.165 -0.457  1.00 0.22 ? 50 THR A CB   1 
ATOM 761  O OG1  . THR A 1 50 ? -2.722  -12.439 0.929   1.00 0.26 ? 50 THR A OG1  1 
ATOM 762  C CG2  . THR A 1 50 ? -2.720  -13.482 -1.193  1.00 0.31 ? 50 THR A CG2  1 
ATOM 763  H H    . THR A 1 50 ? -0.409  -10.377 0.519   1.00 0.17 ? 50 THR A H    1 
ATOM 764  H HA   . THR A 1 50 ? -1.420  -11.388 -1.880  1.00 0.22 ? 50 THR A HA   1 
ATOM 765  H HB   . THR A 1 50 ? -3.806  -11.755 -0.651  1.00 0.25 ? 50 THR A HB   1 
ATOM 766  H HG1  . THR A 1 50 ? -3.575  -12.297 1.348   1.00 0.78 ? 50 THR A HG1  1 
ATOM 767  H HG21 . THR A 1 50 ? -3.639  -13.671 -1.727  1.00 0.97 ? 50 THR A HG21 1 
ATOM 768  H HG22 . THR A 1 50 ? -2.545  -14.278 -0.484  1.00 1.11 ? 50 THR A HG22 1 
ATOM 769  H HG23 . THR A 1 50 ? -1.899  -13.439 -1.894  1.00 1.04 ? 50 THR A HG23 1 
ATOM 770  N N    . GLN A 1 51 ? -2.951  -9.366  -2.021  1.00 0.26 ? 51 GLN A N    1 
ATOM 771  C CA   . GLN A 1 51 ? -3.562  -8.049  -2.145  1.00 0.28 ? 51 GLN A CA   1 
ATOM 772  C C    . GLN A 1 51 ? -4.659  -7.863  -1.104  1.00 0.27 ? 51 GLN A C    1 
ATOM 773  O O    . GLN A 1 51 ? -5.137  -6.750  -0.884  1.00 0.28 ? 51 GLN A O    1 
ATOM 774  C CB   . GLN A 1 51 ? -4.125  -7.846  -3.552  1.00 0.34 ? 51 GLN A CB   1 
ATOM 775  C CG   . GLN A 1 51 ? -3.137  -8.177  -4.661  1.00 0.36 ? 51 GLN A CG   1 
ATOM 776  C CD   . GLN A 1 51 ? -3.761  -8.096  -6.041  1.00 0.85 ? 51 GLN A CD   1 
ATOM 777  O OE1  . GLN A 1 51 ? -3.430  -7.213  -6.832  1.00 1.66 ? 51 GLN A OE1  1 
ATOM 778  N NE2  . GLN A 1 51 ? -4.669  -9.019  -6.334  1.00 1.50 ? 51 GLN A NE2  1 
ATOM 779  H H    . GLN A 1 51 ? -2.980  -9.980  -2.776  1.00 0.28 ? 51 GLN A H    1 
ATOM 780  H HA   . GLN A 1 51 ? -2.793  -7.317  -1.959  1.00 0.27 ? 51 GLN A HA   1 
ATOM 781  H HB2  . GLN A 1 51 ? -4.994  -8.476  -3.674  1.00 0.58 ? 51 GLN A HB2  1 
ATOM 782  H HB3  . GLN A 1 51 ? -4.423  -6.814  -3.662  1.00 0.55 ? 51 GLN A HB3  1 
ATOM 783  H HG2  . GLN A 1 51 ? -2.315  -7.478  -4.614  1.00 0.76 ? 51 GLN A HG2  1 
ATOM 784  H HG3  . GLN A 1 51 ? -2.767  -9.179  -4.509  1.00 0.76 ? 51 GLN A HG3  1 
ATOM 785  H HE21 . GLN A 1 51 ? -4.883  -9.691  -5.654  1.00 2.01 ? 51 GLN A HE21 1 
ATOM 786  H HE22 . GLN A 1 51 ? -5.089  -8.990  -7.219  1.00 1.87 ? 51 GLN A HE22 1 
ATOM 787  N N    . ASP A 1 52 ? -5.035  -8.954  -0.446  1.00 0.27 ? 52 ASP A N    1 
ATOM 788  C CA   . ASP A 1 52 ? -6.051  -8.900  0.592   1.00 0.28 ? 52 ASP A CA   1 
ATOM 789  C C    . ASP A 1 52 ? -5.391  -8.649  1.942   1.00 0.24 ? 52 ASP A C    1 
ATOM 790  O O    . ASP A 1 52 ? -6.061  -8.362  2.933   1.00 0.25 ? 52 ASP A O    1 
ATOM 791  C CB   . ASP A 1 52 ? -6.851  -10.204 0.629   1.00 0.32 ? 52 ASP A CB   1 
ATOM 792  C CG   . ASP A 1 52 ? -8.127  -10.122 -0.187  1.00 1.12 ? 52 ASP A CG   1 
ATOM 793  O OD1  . ASP A 1 52 ? -8.729  -9.029  -0.239  1.00 2.00 ? 52 ASP A OD1  1 
ATOM 794  O OD2  . ASP A 1 52 ? -8.523  -11.150 -0.775  1.00 1.71 ? 52 ASP A OD2  1 
ATOM 795  H H    . ASP A 1 52 ? -4.602  -9.811  -0.645  1.00 0.27 ? 52 ASP A H    1 
ATOM 796  H HA   . ASP A 1 52 ? -6.715  -8.079  0.368   1.00 0.30 ? 52 ASP A HA   1 
ATOM 797  H HB2  . ASP A 1 52 ? -6.245  -11.004 0.233   1.00 0.89 ? 52 ASP A HB2  1 
ATOM 798  H HB3  . ASP A 1 52 ? -7.115  -10.429 1.652   1.00 0.78 ? 52 ASP A HB3  1 
ATOM 799  N N    . LEU A 1 53 ? -4.063  -8.752  1.965   1.00 0.20 ? 53 LEU A N    1 
ATOM 800  C CA   . LEU A 1 53 ? -3.297  -8.528  3.180   1.00 0.18 ? 53 LEU A CA   1 
ATOM 801  C C    . LEU A 1 53 ? -2.882  -7.066  3.275   1.00 0.16 ? 53 LEU A C    1 
ATOM 802  O O    . LEU A 1 53 ? -2.918  -6.464  4.347   1.00 0.16 ? 53 LEU A O    1 
ATOM 803  C CB   . LEU A 1 53 ? -2.066  -9.435  3.210   1.00 0.18 ? 53 LEU A CB   1 
ATOM 804  C CG   . LEU A 1 53 ? -2.133  -10.588 4.214   1.00 0.58 ? 53 LEU A CG   1 
ATOM 805  C CD1  . LEU A 1 53 ? -0.813  -11.345 4.250   1.00 0.54 ? 53 LEU A CD1  1 
ATOM 806  C CD2  . LEU A 1 53 ? -2.489  -10.068 5.600   1.00 1.07 ? 53 LEU A CD2  1 
ATOM 807  H H    . LEU A 1 53 ? -3.584  -8.971  1.134   1.00 0.21 ? 53 LEU A H    1 
ATOM 808  H HA   . LEU A 1 53 ? -3.931  -8.764  4.020   1.00 0.20 ? 53 LEU A HA   1 
ATOM 809  H HB2  . LEU A 1 53 ? -1.930  -9.853  2.223   1.00 0.48 ? 53 LEU A HB2  1 
ATOM 810  H HB3  . LEU A 1 53 ? -1.204  -8.832  3.447   1.00 0.48 ? 53 LEU A HB3  1 
ATOM 811  H HG   . LEU A 1 53 ? -2.905  -11.278 3.907   1.00 0.92 ? 53 LEU A HG   1 
ATOM 812  H HD11 . LEU A 1 53 ? -0.184  -11.011 3.438   1.00 1.30 ? 53 LEU A HD11 1 
ATOM 813  H HD12 . LEU A 1 53 ? -1.002  -12.403 4.147   1.00 1.06 ? 53 LEU A HD12 1 
ATOM 814  H HD13 . LEU A 1 53 ? -0.314  -11.159 5.190   1.00 1.00 ? 53 LEU A HD13 1 
ATOM 815  H HD21 . LEU A 1 53 ? -1.942  -9.158  5.795   1.00 1.56 ? 53 LEU A HD21 1 
ATOM 816  H HD22 . LEU A 1 53 ? -2.231  -10.810 6.341   1.00 1.51 ? 53 LEU A HD22 1 
ATOM 817  H HD23 . LEU A 1 53 ? -3.550  -9.867  5.647   1.00 1.66 ? 53 LEU A HD23 1 
ATOM 818  N N    . ILE A 1 54 ? -2.495  -6.502  2.136   1.00 0.15 ? 54 ILE A N    1 
ATOM 819  C CA   . ILE A 1 54 ? -2.081  -5.106  2.079   1.00 0.16 ? 54 ILE A CA   1 
ATOM 820  C C    . ILE A 1 54 ? -3.289  -4.182  2.199   1.00 0.18 ? 54 ILE A C    1 
ATOM 821  O O    . ILE A 1 54 ? -3.176  -3.049  2.661   1.00 0.20 ? 54 ILE A O    1 
ATOM 822  C CB   . ILE A 1 54 ? -1.325  -4.797  0.772   1.00 0.18 ? 54 ILE A CB   1 
ATOM 823  C CG1  . ILE A 1 54 ? -0.202  -5.814  0.560   1.00 0.21 ? 54 ILE A CG1  1 
ATOM 824  C CG2  . ILE A 1 54 ? -0.768  -3.381  0.798   1.00 0.19 ? 54 ILE A CG2  1 
ATOM 825  C CD1  . ILE A 1 54 ? 0.391   -5.786  -0.832  1.00 0.14 ? 54 ILE A CD1  1 
ATOM 826  H H    . ILE A 1 54 ? -2.496  -7.038  1.311   1.00 0.16 ? 54 ILE A H    1 
ATOM 827  H HA   . ILE A 1 54 ? -1.414  -4.922  2.912   1.00 0.15 ? 54 ILE A HA   1 
ATOM 828  H HB   . ILE A 1 54 ? -2.024  -4.868  -0.047  1.00 0.20 ? 54 ILE A HB   1 
ATOM 829  H HG12 . ILE A 1 54 ? 0.594   -5.615  1.261   1.00 0.27 ? 54 ILE A HG12 1 
ATOM 830  H HG13 . ILE A 1 54 ? -0.588  -6.808  0.736   1.00 0.29 ? 54 ILE A HG13 1 
ATOM 831  H HG21 . ILE A 1 54 ? 0.298   -3.416  0.967   1.00 0.96 ? 54 ILE A HG21 1 
ATOM 832  H HG22 . ILE A 1 54 ? -1.240  -2.822  1.592   1.00 0.92 ? 54 ILE A HG22 1 
ATOM 833  H HG23 . ILE A 1 54 ? -0.966  -2.898  -0.148  1.00 0.91 ? 54 ILE A HG23 1 
ATOM 834  H HD11 . ILE A 1 54 ? 1.236   -5.113  -0.851  1.00 1.02 ? 54 ILE A HD11 1 
ATOM 835  H HD12 . ILE A 1 54 ? -0.356  -5.443  -1.535  1.00 1.00 ? 54 ILE A HD12 1 
ATOM 836  H HD13 . ILE A 1 54 ? 0.717   -6.782  -1.106  1.00 1.00 ? 54 ILE A HD13 1 
ATOM 837  N N    . LYS A 1 55 ? -4.452  -4.688  1.799   1.00 0.21 ? 55 LYS A N    1 
ATOM 838  C CA   . LYS A 1 55 ? -5.687  -3.934  1.875   1.00 0.24 ? 55 LYS A CA   1 
ATOM 839  C C    . LYS A 1 55 ? -6.220  -3.986  3.293   1.00 0.22 ? 55 LYS A C    1 
ATOM 840  O O    . LYS A 1 55 ? -6.602  -2.973  3.861   1.00 0.22 ? 55 LYS A O    1 
ATOM 841  C CB   . LYS A 1 55 ? -6.723  -4.498  0.900   1.00 0.30 ? 55 LYS A CB   1 
ATOM 842  C CG   . LYS A 1 55 ? -6.694  -3.836  -0.467  1.00 0.49 ? 55 LYS A CG   1 
ATOM 843  C CD   . LYS A 1 55 ? -7.692  -4.477  -1.417  1.00 1.18 ? 55 LYS A CD   1 
ATOM 844  C CE   . LYS A 1 55 ? -8.367  -3.439  -2.300  1.00 1.59 ? 55 LYS A CE   1 
ATOM 845  N NZ   . LYS A 1 55 ? -9.192  -4.069  -3.367  1.00 1.87 ? 55 LYS A NZ   1 
ATOM 846  H H    . LYS A 1 55 ? -4.483  -5.595  1.463   1.00 0.23 ? 55 LYS A H    1 
ATOM 847  H HA   . LYS A 1 55 ? -5.473  -2.911  1.616   1.00 0.26 ? 55 LYS A HA   1 
ATOM 848  H HB2  . LYS A 1 55 ? -6.538  -5.554  0.769   1.00 0.47 ? 55 LYS A HB2  1 
ATOM 849  H HB3  . LYS A 1 55 ? -7.708  -4.363  1.322   1.00 0.39 ? 55 LYS A HB3  1 
ATOM 850  H HG2  . LYS A 1 55 ? -6.940  -2.790  -0.355  1.00 1.13 ? 55 LYS A HG2  1 
ATOM 851  H HG3  . LYS A 1 55 ? -5.701  -3.931  -0.882  1.00 1.10 ? 55 LYS A HG3  1 
ATOM 852  H HD2  . LYS A 1 55 ? -7.172  -5.184  -2.045  1.00 1.87 ? 55 LYS A HD2  1 
ATOM 853  H HD3  . LYS A 1 55 ? -8.446  -4.991  -0.840  1.00 1.87 ? 55 LYS A HD3  1 
ATOM 854  H HE2  . LYS A 1 55 ? -9.003  -2.821  -1.684  1.00 2.06 ? 55 LYS A HE2  1 
ATOM 855  H HE3  . LYS A 1 55 ? -7.606  -2.825  -2.759  1.00 2.24 ? 55 LYS A HE3  1 
ATOM 856  H HZ1  . LYS A 1 55 ? -9.137  -3.507  -4.241  1.00 2.07 ? 55 LYS A HZ1  1 
ATOM 857  H HZ2  . LYS A 1 55 ? -10.185 -4.124  -3.067  1.00 2.48 ? 55 LYS A HZ2  1 
ATOM 858  H HZ3  . LYS A 1 55 ? -8.847  -5.031  -3.565  1.00 2.13 ? 55 LYS A HZ3  1 
ATOM 859  N N    . GLU A 1 56 ? -6.219  -5.178  3.870   1.00 0.22 ? 56 GLU A N    1 
ATOM 860  C CA   . GLU A 1 56 ? -6.684  -5.357  5.235   1.00 0.23 ? 56 GLU A CA   1 
ATOM 861  C C    . GLU A 1 56 ? -5.819  -4.548  6.195   1.00 0.21 ? 56 GLU A C    1 
ATOM 862  O O    . GLU A 1 56 ? -6.280  -4.123  7.253   1.00 0.24 ? 56 GLU A O    1 
ATOM 863  C CB   . GLU A 1 56 ? -6.657  -6.837  5.622   1.00 0.27 ? 56 GLU A CB   1 
ATOM 864  C CG   . GLU A 1 56 ? -7.579  -7.178  6.782   1.00 1.08 ? 56 GLU A CG   1 
ATOM 865  C CD   . GLU A 1 56 ? -7.677  -8.670  7.029   1.00 1.70 ? 56 GLU A CD   1 
ATOM 866  O OE1  . GLU A 1 56 ? -6.673  -9.266  7.470   1.00 2.42 ? 56 GLU A OE1  1 
ATOM 867  O OE2  . GLU A 1 56 ? -8.760  -9.243  6.782   1.00 2.22 ? 56 GLU A OE2  1 
ATOM 868  H H    . GLU A 1 56 ? -5.884  -5.950  3.369   1.00 0.23 ? 56 GLU A H    1 
ATOM 869  H HA   . GLU A 1 56 ? -7.699  -4.993  5.290   1.00 0.26 ? 56 GLU A HA   1 
ATOM 870  H HB2  . GLU A 1 56 ? -6.957  -7.426  4.768   1.00 0.88 ? 56 GLU A HB2  1 
ATOM 871  H HB3  . GLU A 1 56 ? -5.649  -7.107  5.899   1.00 0.81 ? 56 GLU A HB3  1 
ATOM 872  H HG2  . GLU A 1 56 ? -7.201  -6.706  7.677   1.00 1.79 ? 56 GLU A HG2  1 
ATOM 873  H HG3  . GLU A 1 56 ? -8.566  -6.797  6.565   1.00 1.70 ? 56 GLU A HG3  1 
ATOM 874  N N    . ALA A 1 57 ? -4.563  -4.334  5.812   1.00 0.18 ? 57 ALA A N    1 
ATOM 875  C CA   . ALA A 1 57 ? -3.634  -3.569  6.633   1.00 0.20 ? 57 ALA A CA   1 
ATOM 876  C C    . ALA A 1 57 ? -3.676  -2.090  6.276   1.00 0.21 ? 57 ALA A C    1 
ATOM 877  O O    . ALA A 1 57 ? -3.815  -1.234  7.150   1.00 0.25 ? 57 ALA A O    1 
ATOM 878  C CB   . ALA A 1 57 ? -2.220  -4.112  6.483   1.00 0.21 ? 57 ALA A CB   1 
ATOM 879  H H    . ALA A 1 57 ? -4.254  -4.696  4.954   1.00 0.17 ? 57 ALA A H    1 
ATOM 880  H HA   . ALA A 1 57 ? -3.932  -3.683  7.661   1.00 0.23 ? 57 ALA A HA   1 
ATOM 881  H HB1  . ALA A 1 57 ? -2.087  -4.500  5.485   1.00 1.00 ? 57 ALA A HB1  1 
ATOM 882  H HB2  . ALA A 1 57 ? -2.060  -4.903  7.201   1.00 0.98 ? 57 ALA A HB2  1 
ATOM 883  H HB3  . ALA A 1 57 ? -1.509  -3.317  6.659   1.00 0.93 ? 57 ALA A HB3  1 
ATOM 884  N N    . LEU A 1 58 ? -3.558  -1.794  4.987   1.00 0.21 ? 58 LEU A N    1 
ATOM 885  C CA   . LEU A 1 58 ? -3.587  -0.412  4.525   1.00 0.25 ? 58 LEU A CA   1 
ATOM 886  C C    . LEU A 1 58 ? -4.956  0.204   4.771   1.00 0.26 ? 58 LEU A C    1 
ATOM 887  O O    . LEU A 1 58 ? -5.064  1.386   5.103   1.00 0.29 ? 58 LEU A O    1 
ATOM 888  C CB   . LEU A 1 58 ? -3.215  -0.319  3.038   1.00 0.29 ? 58 LEU A CB   1 
ATOM 889  C CG   . LEU A 1 58 ? -4.352  -0.602  2.054   1.00 0.30 ? 58 LEU A CG   1 
ATOM 890  C CD1  . LEU A 1 58 ? -5.183  0.649   1.817   1.00 0.38 ? 58 LEU A CD1  1 
ATOM 891  C CD2  . LEU A 1 58 ? -3.798  -1.128  0.740   1.00 0.33 ? 58 LEU A CD2  1 
ATOM 892  H H    . LEU A 1 58 ? -3.452  -2.519  4.339   1.00 0.19 ? 58 LEU A H    1 
ATOM 893  H HA   . LEU A 1 58 ? -2.858  0.138   5.100   1.00 0.28 ? 58 LEU A HA   1 
ATOM 894  H HB2  . LEU A 1 58 ? -2.844  0.677   2.847   1.00 0.34 ? 58 LEU A HB2  1 
ATOM 895  H HB3  . LEU A 1 58 ? -2.418  -1.020  2.844   1.00 0.27 ? 58 LEU A HB3  1 
ATOM 896  H HG   . LEU A 1 58 ? -4.999  -1.356  2.471   1.00 0.27 ? 58 LEU A HG   1 
ATOM 897  H HD11 . LEU A 1 58 ? -4.971  1.374   2.589   1.00 1.11 ? 58 LEU A HD11 1 
ATOM 898  H HD12 . LEU A 1 58 ? -6.232  0.394   1.842   1.00 1.00 ? 58 LEU A HD12 1 
ATOM 899  H HD13 . LEU A 1 58 ? -4.937  1.069   0.853   1.00 1.04 ? 58 LEU A HD13 1 
ATOM 900  H HD21 . LEU A 1 58 ? -3.600  -0.299  0.076   1.00 1.08 ? 58 LEU A HD21 1 
ATOM 901  H HD22 . LEU A 1 58 ? -4.518  -1.790  0.284   1.00 1.03 ? 58 LEU A HD22 1 
ATOM 902  H HD23 . LEU A 1 58 ? -2.881  -1.667  0.926   1.00 1.05 ? 58 LEU A HD23 1 
ATOM 903  N N    . LEU A 1 59 ? -6.005  -0.601  4.620   1.00 0.25 ? 59 LEU A N    1 
ATOM 904  C CA   . LEU A 1 59 ? -7.363  -0.109  4.848   1.00 0.28 ? 59 LEU A CA   1 
ATOM 905  C C    . LEU A 1 59 ? -7.592  0.097   6.339   1.00 0.29 ? 59 LEU A C    1 
ATOM 906  O O    . LEU A 1 59 ? -8.163  1.103   6.755   1.00 0.33 ? 59 LEU A O    1 
ATOM 907  C CB   . LEU A 1 59 ? -8.418  -1.060  4.259   1.00 0.31 ? 59 LEU A CB   1 
ATOM 908  C CG   . LEU A 1 59 ? -8.837  -2.233  5.152   1.00 1.26 ? 59 LEU A CG   1 
ATOM 909  C CD1  . LEU A 1 59 ? -9.873  -1.787  6.175   1.00 1.88 ? 59 LEU A CD1  1 
ATOM 910  C CD2  . LEU A 1 59 ? -9.383  -3.376  4.306   1.00 2.00 ? 59 LEU A CD2  1 
ATOM 911  H H    . LEU A 1 59 ? -5.859  -1.543  4.364   1.00 0.23 ? 59 LEU A H    1 
ATOM 912  H HA   . LEU A 1 59 ? -7.444  0.850   4.357   1.00 0.32 ? 59 LEU A HA   1 
ATOM 913  H HB2  . LEU A 1 59 ? -9.300  -0.479  4.033   1.00 1.12 ? 59 LEU A HB2  1 
ATOM 914  H HB3  . LEU A 1 59 ? -8.031  -1.461  3.335   1.00 1.06 ? 59 LEU A HB3  1 
ATOM 915  H HG   . LEU A 1 59 ? -7.973  -2.597  5.689   1.00 1.71 ? 59 LEU A HG   1 
ATOM 916  H HD11 . LEU A 1 59 ? -9.582  -2.132  7.156   1.00 2.37 ? 59 LEU A HD11 1 
ATOM 917  H HD12 . LEU A 1 59 ? -10.837 -2.203  5.918   1.00 2.39 ? 59 LEU A HD12 1 
ATOM 918  H HD13 . LEU A 1 59 ? -9.937  -0.709  6.178   1.00 2.15 ? 59 LEU A HD13 1 
ATOM 919  H HD21 . LEU A 1 59 ? -10.341 -3.092  3.895   1.00 2.39 ? 59 LEU A HD21 1 
ATOM 920  H HD22 . LEU A 1 59 ? -9.500  -4.255  4.921   1.00 2.45 ? 59 LEU A HD22 1 
ATOM 921  H HD23 . LEU A 1 59 ? -8.695  -3.589  3.501   1.00 2.50 ? 59 LEU A HD23 1 
ATOM 922  N N    . ASP A 1 60 ? -7.114  -0.850  7.141   1.00 0.28 ? 60 ASP A N    1 
ATOM 923  C CA   . ASP A 1 60 ? -7.242  -0.748  8.585   1.00 0.32 ? 60 ASP A CA   1 
ATOM 924  C C    . ASP A 1 60 ? -6.299  0.330   9.106   1.00 0.34 ? 60 ASP A C    1 
ATOM 925  O O    . ASP A 1 60 ? -6.472  0.842   10.212  1.00 0.40 ? 60 ASP A O    1 
ATOM 926  C CB   . ASP A 1 60 ? -6.926  -2.086  9.255   1.00 0.30 ? 60 ASP A CB   1 
ATOM 927  C CG   . ASP A 1 60 ? -8.109  -3.036  9.236   1.00 1.11 ? 60 ASP A CG   1 
ATOM 928  O OD1  . ASP A 1 60 ? -9.258  -2.556  9.323   1.00 1.97 ? 60 ASP A OD1  1 
ATOM 929  O OD2  . ASP A 1 60 ? -7.884  -4.261  9.134   1.00 1.72 ? 60 ASP A OD2  1 
ATOM 930  H H    . ASP A 1 60 ? -6.645  -1.620  6.753   1.00 0.25 ? 60 ASP A H    1 
ATOM 931  H HA   . ASP A 1 60 ? -8.259  -0.464  8.813   1.00 0.36 ? 60 ASP A HA   1 
ATOM 932  H HB2  . ASP A 1 60 ? -6.102  -2.554  8.741   1.00 0.81 ? 60 ASP A HB2  1 
ATOM 933  H HB3  . ASP A 1 60 ? -6.649  -1.909  10.284  1.00 0.85 ? 60 ASP A HB3  1 
ATOM 934  N N    . ALA A 1 61 ? -5.301  0.673   8.291   1.00 0.33 ? 61 ALA A N    1 
ATOM 935  C CA   . ALA A 1 61 ? -4.332  1.696   8.660   1.00 0.38 ? 61 ALA A CA   1 
ATOM 936  C C    . ALA A 1 61 ? -4.949  3.088   8.578   1.00 0.43 ? 61 ALA A C    1 
ATOM 937  O O    . ALA A 1 61 ? -4.481  4.024   9.226   1.00 0.47 ? 61 ALA A O    1 
ATOM 938  C CB   . ALA A 1 61 ? -3.105  1.607   7.764   1.00 0.40 ? 61 ALA A CB   1 
ATOM 939  H H    . ALA A 1 61 ? -5.220  0.229   7.415   1.00 0.30 ? 61 ALA A H    1 
ATOM 940  H HA   . ALA A 1 61 ? -4.021  1.509   9.677   1.00 0.40 ? 61 ALA A HA   1 
ATOM 941  H HB1  . ALA A 1 61 ? -2.621  2.572   7.720   1.00 1.00 ? 61 ALA A HB1  1 
ATOM 942  H HB2  . ALA A 1 61 ? -3.405  1.309   6.770   1.00 1.04 ? 61 ALA A HB2  1 
ATOM 943  H HB3  . ALA A 1 61 ? -2.418  0.876   8.166   1.00 1.02 ? 61 ALA A HB3  1 
ATOM 944  N N    . GLY A 1 62 ? -6.005  3.217   7.778   1.00 0.45 ? 62 GLY A N    1 
ATOM 945  C CA   . GLY A 1 62 ? -6.670  4.497   7.629   1.00 0.50 ? 62 GLY A CA   1 
ATOM 946  C C    . GLY A 1 62 ? -6.614  5.025   6.207   1.00 0.52 ? 62 GLY A C    1 
ATOM 947  O O    . GLY A 1 62 ? -6.809  6.218   5.975   1.00 0.60 ? 62 GLY A O    1 
ATOM 948  H H    . GLY A 1 62 ? -6.335  2.436   7.287   1.00 0.43 ? 62 GLY A H    1 
ATOM 949  H HA2  . GLY A 1 62 ? -7.705  4.388   7.919   1.00 0.51 ? 62 GLY A HA2  1 
ATOM 950  H HA3  . GLY A 1 62 ? -6.199  5.214   8.285   1.00 0.58 ? 62 GLY A HA3  1 
ATOM 951  N N    . GLN A 1 63 ? -6.348  4.137   5.252   1.00 0.49 ? 63 GLN A N    1 
ATOM 952  C CA   . GLN A 1 63 ? -6.267  4.527   3.851   1.00 0.52 ? 63 GLN A CA   1 
ATOM 953  C C    . GLN A 1 63 ? -7.377  3.863   3.039   1.00 0.53 ? 63 GLN A C    1 
ATOM 954  O O    . GLN A 1 63 ? -7.890  2.811   3.415   1.00 0.85 ? 63 GLN A O    1 
ATOM 955  C CB   . GLN A 1 63 ? -4.897  4.153   3.280   1.00 0.60 ? 63 GLN A CB   1 
ATOM 956  C CG   . GLN A 1 63 ? -4.763  4.417   1.790   1.00 0.86 ? 63 GLN A CG   1 
ATOM 957  C CD   . GLN A 1 63 ? -3.319  4.428   1.329   1.00 1.47 ? 63 GLN A CD   1 
ATOM 958  O OE1  . GLN A 1 63 ? -2.667  5.473   1.312   1.00 1.46 ? 63 GLN A OE1  1 
ATOM 959  N NE2  . GLN A 1 63 ? -2.810  3.262   0.950   1.00 2.51 ? 63 GLN A NE2  1 
ATOM 960  H H    . GLN A 1 63 ? -6.200  3.198   5.495   1.00 0.48 ? 63 GLN A H    1 
ATOM 961  H HA   . GLN A 1 63 ? -6.390  5.598   3.797   1.00 0.56 ? 63 GLN A HA   1 
ATOM 962  H HB2  . GLN A 1 63 ? -4.140  4.725   3.794   1.00 1.14 ? 63 GLN A HB2  1 
ATOM 963  H HB3  . GLN A 1 63 ? -4.723  3.102   3.455   1.00 1.08 ? 63 GLN A HB3  1 
ATOM 964  H HG2  . GLN A 1 63 ? -5.291  3.645   1.250   1.00 1.47 ? 63 GLN A HG2  1 
ATOM 965  H HG3  . GLN A 1 63 ? -5.204  5.377   1.568   1.00 1.17 ? 63 GLN A HG3  1 
ATOM 966  H HE21 . GLN A 1 63 ? -3.386  2.470   0.990   1.00 2.77 ? 63 GLN A HE21 1 
ATOM 967  H HE22 . GLN A 1 63 ? -1.878  3.239   0.647   1.00 3.08 ? 63 GLN A HE22 1 
ATOM 968  N N    . GLU A 1 64 ? -7.741  4.487   1.923   1.00 0.65 ? 64 GLU A N    1 
ATOM 969  C CA   . GLU A 1 64 ? -8.790  3.958   1.059   1.00 0.68 ? 64 GLU A CA   1 
ATOM 970  C C    . GLU A 1 64 ? -8.252  3.683   -0.342  1.00 0.67 ? 64 GLU A C    1 
ATOM 971  O O    . GLU A 1 64 ? -7.458  4.456   -0.877  1.00 1.09 ? 64 GLU A O    1 
ATOM 972  C CB   . GLU A 1 64 ? -9.962  4.938   0.983   1.00 0.75 ? 64 GLU A CB   1 
ATOM 973  C CG   . GLU A 1 64 ? -10.955 4.787   2.125   1.00 1.06 ? 64 GLU A CG   1 
ATOM 974  C CD   . GLU A 1 64 ? -12.395 4.788   1.650   1.00 1.90 ? 64 GLU A CD   1 
ATOM 975  O OE1  . GLU A 1 64 ? -12.676 4.165   0.605   1.00 2.53 ? 64 GLU A OE1  1 
ATOM 976  O OE2  . GLU A 1 64 ? -13.242 5.413   2.324   1.00 2.64 ? 64 GLU A OE2  1 
ATOM 977  H H    . GLU A 1 64 ? -7.295  5.324   1.676   1.00 0.96 ? 64 GLU A H    1 
ATOM 978  H HA   . GLU A 1 64 ? -9.136  3.029   1.487   1.00 0.75 ? 64 GLU A HA   1 
ATOM 979  H HB2  . GLU A 1 64 ? -9.575  5.946   1.002   1.00 0.90 ? 64 GLU A HB2  1 
ATOM 980  H HB3  . GLU A 1 64 ? -10.488 4.782   0.053   1.00 0.82 ? 64 GLU A HB3  1 
ATOM 981  H HG2  . GLU A 1 64 ? -10.761 3.854   2.632   1.00 1.39 ? 64 GLU A HG2  1 
ATOM 982  H HG3  . GLU A 1 64 ? -10.818 5.606   2.814   1.00 1.52 ? 64 GLU A HG3  1 
ATOM 983  N N    . VAL A 1 65 ? -8.690  2.575   -0.932  1.00 0.71 ? 65 VAL A N    1 
ATOM 984  C CA   . VAL A 1 65 ? -8.252  2.198   -2.270  1.00 0.70 ? 65 VAL A CA   1 
ATOM 985  C C    . VAL A 1 65 ? -9.318  1.378   -2.989  1.00 0.84 ? 65 VAL A C    1 
ATOM 986  O O    . VAL A 1 65 ? -9.758  0.342   -2.491  1.00 1.09 ? 65 VAL A O    1 
ATOM 987  C CB   . VAL A 1 65 ? -6.942  1.389   -2.224  1.00 0.84 ? 65 VAL A CB   1 
ATOM 988  C CG1  . VAL A 1 65 ? -6.405  1.157   -3.627  1.00 1.42 ? 65 VAL A CG1  1 
ATOM 989  C CG2  . VAL A 1 65 ? -5.909  2.098   -1.361  1.00 1.44 ? 65 VAL A CG2  1 
ATOM 990  H H    . VAL A 1 65 ? -9.322  1.997   -0.456  1.00 1.06 ? 65 VAL A H    1 
ATOM 991  H HA   . VAL A 1 65 ? -8.071  3.105   -2.830  1.00 0.62 ? 65 VAL A HA   1 
ATOM 992  H HB   . VAL A 1 65 ? -7.152  0.427   -1.779  1.00 1.41 ? 65 VAL A HB   1 
ATOM 993  H HG11 . VAL A 1 65 ? -7.219  1.197   -4.336  1.00 1.90 ? 65 VAL A HG11 1 
ATOM 994  H HG12 . VAL A 1 65 ? -5.933  0.187   -3.676  1.00 2.07 ? 65 VAL A HG12 1 
ATOM 995  H HG13 . VAL A 1 65 ? -5.681  1.922   -3.868  1.00 1.85 ? 65 VAL A HG13 1 
ATOM 996  H HG21 . VAL A 1 65 ? -6.218  2.061   -0.327  1.00 1.77 ? 65 VAL A HG21 1 
ATOM 997  H HG22 . VAL A 1 65 ? -5.824  3.128   -1.674  1.00 2.16 ? 65 VAL A HG22 1 
ATOM 998  H HG23 . VAL A 1 65 ? -4.952  1.608   -1.469  1.00 1.86 ? 65 VAL A HG23 1 
ATOM 999  N N    . VAL A 1 66 ? -9.726  1.848   -4.163  1.00 0.80 ? 66 VAL A N    1 
ATOM 1000 C CA   . VAL A 1 66 ? -10.738 1.162   -4.952  1.00 0.99 ? 66 VAL A CA   1 
ATOM 1001 C C    . VAL A 1 66 ? -10.098 0.213   -5.960  1.00 0.96 ? 66 VAL A C    1 
ATOM 1002 O O    . VAL A 1 66 ? -10.320 -1.010  -5.843  1.00 1.55 ? 66 VAL A O    1 
ATOM 1003 C CB   . VAL A 1 66 ? -11.637 2.161   -5.705  1.00 1.22 ? 66 VAL A CB   1 
ATOM 1004 C CG1  . VAL A 1 66 ? -12.727 2.696   -4.790  1.00 1.70 ? 66 VAL A CG1  1 
ATOM 1005 C CG2  . VAL A 1 66 ? -10.815 3.301   -6.291  1.00 1.87 ? 66 VAL A CG2  1 
ATOM 1006 O OXT  . VAL A 1 66 ? -9.380  0.701   -6.858  1.00 1.46 ? 66 VAL A OXT  1 
ATOM 1007 H H    . VAL A 1 66 ? -9.339  2.677   -4.507  1.00 0.75 ? 66 VAL A H    1 
ATOM 1008 H HA   . VAL A 1 66 ? -11.357 0.591   -4.277  1.00 1.29 ? 66 VAL A HA   1 
ATOM 1009 H HB   . VAL A 1 66 ? -12.108 1.637   -6.517  1.00 1.91 ? 66 VAL A HB   1 
ATOM 1010 H HG11 . VAL A 1 66 ? -13.556 3.048   -5.385  1.00 2.07 ? 66 VAL A HG11 1 
ATOM 1011 H HG12 . VAL A 1 66 ? -12.334 3.512   -4.201  1.00 2.08 ? 66 VAL A HG12 1 
ATOM 1012 H HG13 . VAL A 1 66 ? -13.064 1.908   -4.132  1.00 2.28 ? 66 VAL A HG13 1 
ATOM 1013 H HG21 . VAL A 1 66 ? -10.573 4.008   -5.511  1.00 2.35 ? 66 VAL A HG21 1 
ATOM 1014 H HG22 . VAL A 1 66 ? -11.387 3.798   -7.062  1.00 2.33 ? 66 VAL A HG22 1 
ATOM 1015 H HG23 . VAL A 1 66 ? -9.904  2.907   -6.717  1.00 2.39 ? 66 VAL A HG23 1 
# 
